data_2GYI
#
_entry.id   2GYI
#
_cell.length_a   86.900
_cell.length_b   99.050
_cell.length_c   93.650
_cell.angle_alpha   90.00
_cell.angle_beta   90.00
_cell.angle_gamma   90.00
#
_symmetry.space_group_name_H-M   'P 21 21 2'
#
loop_
_entity.id
_entity.type
_entity.pdbx_description
1 polymer 'XYLOSE ISOMERASE'
2 non-polymer 'MAGNESIUM ION'
3 non-polymer '2,3,4,N-TETRAHYDROXY-BUTYRIMIDIC ACID'
4 water water
#
_entity_poly.entity_id   1
_entity_poly.type   'polypeptide(L)'
_entity_poly.pdbx_seq_one_letter_code
;SYQPTPEDRFTFGLWTVGWQGRDPFGDATRPALDPVETVQRLAELGAHGVTFHDDDLIPFGSSDTERESHIKRFRQALDA
TGMTVPMATTNLFTHPVFKDGGFTANDRDVRRYALRKTIRNIDLAVELGAKTYVAWGGREGAESGAAKDVRVALDRMKEA
FDLLGEYVTSQGYDTRFAIEPKPNEPRGDILLPTVGHALAFIERLERPELYGVNPEVGHEQMAGLNFPHGIAQALWAGKL
FHIDLNGQSGIKYDQDLRFGAGDLRAAFWLVDLLESAGYEGPRHFDFKPPRTEDIDGVWASAAGCMRNYLILKERAAAFR
ADPEVQEALRASRLDELAQPTAADGVQELLADRTAFEDFDVDAAAARGMAFERLDQLAMDHLLGAR
;
_entity_poly.pdbx_strand_id   A,B
#
# COMPACT_ATOMS: atom_id res chain seq x y z
N TYR A 2 -9.42 7.55 32.19
CA TYR A 2 -8.64 6.53 31.46
C TYR A 2 -7.23 7.07 31.26
N GLN A 3 -6.54 7.33 32.37
CA GLN A 3 -5.23 7.93 32.27
C GLN A 3 -4.24 6.81 32.49
N PRO A 4 -3.23 6.59 31.64
CA PRO A 4 -2.23 5.56 31.83
C PRO A 4 -1.15 5.83 32.89
N THR A 5 -0.48 4.79 33.39
CA THR A 5 0.68 4.91 34.30
C THR A 5 1.61 3.73 34.01
N PRO A 6 2.86 3.62 34.53
CA PRO A 6 3.80 2.56 34.17
C PRO A 6 3.24 1.17 34.41
N GLU A 7 2.22 1.04 35.25
CA GLU A 7 1.62 -0.23 35.56
C GLU A 7 0.99 -0.85 34.30
N ASP A 8 0.63 -0.05 33.31
CA ASP A 8 -0.01 -0.55 32.09
C ASP A 8 0.93 -1.12 31.00
N ARG A 9 2.25 -0.98 31.23
CA ARG A 9 3.35 -1.39 30.35
C ARG A 9 3.21 -1.07 28.87
N PHE A 10 2.97 0.23 28.69
CA PHE A 10 2.80 0.81 27.39
C PHE A 10 4.13 1.40 26.93
N THR A 11 4.62 0.98 25.75
CA THR A 11 5.88 1.41 25.22
C THR A 11 5.74 2.00 23.81
N PHE A 12 6.78 2.70 23.33
CA PHE A 12 6.77 3.39 22.03
C PHE A 12 8.22 3.53 21.51
N GLY A 13 8.43 3.05 20.27
CA GLY A 13 9.73 3.26 19.66
C GLY A 13 10.01 4.74 19.43
N LEU A 14 11.28 5.15 19.54
CA LEU A 14 11.74 6.49 19.19
C LEU A 14 11.29 6.86 17.79
N TRP A 15 11.26 5.87 16.89
CA TRP A 15 10.83 6.11 15.52
C TRP A 15 9.33 6.46 15.28
N THR A 16 8.44 6.19 16.25
CA THR A 16 7.02 6.37 16.10
C THR A 16 6.66 7.82 16.29
N VAL A 17 6.68 8.43 17.49
CA VAL A 17 6.38 9.87 17.64
C VAL A 17 7.42 10.76 16.96
N GLY A 18 8.61 10.20 16.67
CA GLY A 18 9.69 10.89 15.99
C GLY A 18 9.58 10.80 14.48
N TRP A 19 8.49 10.28 13.88
CA TRP A 19 8.33 10.29 12.43
C TRP A 19 8.19 11.74 11.89
N GLN A 20 9.07 12.10 10.96
CA GLN A 20 9.08 13.44 10.38
C GLN A 20 8.08 13.68 9.26
N GLY A 21 7.37 12.60 8.86
CA GLY A 21 6.31 12.70 7.90
C GLY A 21 6.69 12.65 6.42
N ARG A 22 7.92 12.29 6.01
CA ARG A 22 8.13 12.14 4.58
C ARG A 22 7.54 10.77 4.20
N ASP A 23 6.71 10.75 3.14
CA ASP A 23 6.03 9.52 2.70
C ASP A 23 6.48 9.24 1.23
N PRO A 24 5.89 8.45 0.31
CA PRO A 24 6.32 8.35 -1.10
C PRO A 24 6.31 9.68 -1.87
N PHE A 25 5.29 10.50 -1.64
CA PHE A 25 5.13 11.70 -2.44
C PHE A 25 5.31 12.93 -1.57
N GLY A 26 6.04 12.86 -0.44
CA GLY A 26 5.96 13.99 0.45
C GLY A 26 7.21 14.23 1.20
N ASP A 27 7.55 15.50 1.30
CA ASP A 27 8.68 15.92 2.09
C ASP A 27 8.31 15.87 3.57
N ALA A 28 9.33 15.78 4.45
CA ALA A 28 9.04 15.80 5.88
C ALA A 28 8.31 17.08 6.32
N THR A 29 7.26 16.94 7.12
CA THR A 29 6.52 18.06 7.69
C THR A 29 6.92 18.36 9.15
N ARG A 30 7.84 17.59 9.75
CA ARG A 30 8.28 17.85 11.10
C ARG A 30 9.78 17.75 11.24
N PRO A 31 10.30 18.56 12.20
CA PRO A 31 11.71 18.53 12.69
C PRO A 31 12.05 17.24 13.40
N ALA A 32 13.30 16.75 13.35
CA ALA A 32 13.57 15.50 14.04
C ALA A 32 13.38 15.76 15.55
N LEU A 33 13.06 14.73 16.33
CA LEU A 33 12.94 14.91 17.76
C LEU A 33 14.21 14.47 18.40
N ASP A 34 14.71 15.21 19.39
CA ASP A 34 15.77 14.66 20.24
C ASP A 34 15.23 13.40 20.92
N PRO A 35 15.92 12.24 20.96
CA PRO A 35 15.57 11.09 21.79
C PRO A 35 15.27 11.42 23.28
N VAL A 36 16.16 12.19 23.92
CA VAL A 36 16.04 12.60 25.33
C VAL A 36 14.73 13.38 25.61
N GLU A 37 14.29 14.22 24.67
CA GLU A 37 12.98 14.88 24.72
C GLU A 37 11.85 13.85 24.65
N THR A 38 11.92 12.87 23.73
CA THR A 38 10.91 11.82 23.66
C THR A 38 10.81 10.99 24.93
N VAL A 39 11.88 10.55 25.64
CA VAL A 39 11.63 9.73 26.81
C VAL A 39 10.98 10.59 27.88
N GLN A 40 11.23 11.91 27.92
CA GLN A 40 10.60 12.83 28.88
C GLN A 40 9.13 13.04 28.65
N ARG A 41 8.79 13.29 27.39
CA ARG A 41 7.41 13.54 27.05
C ARG A 41 6.60 12.28 27.18
N LEU A 42 7.07 11.08 26.80
CA LEU A 42 6.32 9.85 27.00
C LEU A 42 6.22 9.44 28.47
N ALA A 43 7.22 9.79 29.25
CA ALA A 43 7.17 9.53 30.67
C ALA A 43 6.07 10.39 31.27
N GLU A 44 6.01 11.69 30.92
CA GLU A 44 4.94 12.56 31.41
C GLU A 44 3.55 12.09 30.96
N LEU A 45 3.39 11.41 29.80
CA LEU A 45 2.06 10.91 29.40
C LEU A 45 1.74 9.56 30.06
N GLY A 46 2.67 8.90 30.75
CA GLY A 46 2.32 7.69 31.44
C GLY A 46 2.95 6.44 30.87
N ALA A 47 3.88 6.59 29.92
CA ALA A 47 4.55 5.43 29.36
C ALA A 47 5.40 4.66 30.35
N HIS A 48 5.65 3.42 29.96
CA HIS A 48 6.48 2.43 30.63
C HIS A 48 7.91 2.59 30.16
N GLY A 49 8.16 2.81 28.85
CA GLY A 49 9.53 2.99 28.42
C GLY A 49 9.63 3.17 26.93
N VAL A 50 10.83 3.29 26.33
CA VAL A 50 10.89 3.45 24.88
C VAL A 50 11.72 2.31 24.27
N THR A 51 11.55 2.08 22.96
CA THR A 51 12.36 1.11 22.25
C THR A 51 13.08 1.89 21.14
N PHE A 52 14.01 1.27 20.42
CA PHE A 52 14.77 1.95 19.40
C PHE A 52 15.31 0.90 18.43
N HIS A 53 15.76 1.45 17.31
CA HIS A 53 16.59 0.78 16.31
C HIS A 53 17.96 1.37 16.64
N ASP A 54 19.04 0.61 16.45
CA ASP A 54 20.39 1.18 16.57
C ASP A 54 20.56 2.56 15.98
N ASP A 55 20.18 2.76 14.71
CA ASP A 55 20.37 4.08 14.08
C ASP A 55 19.36 5.15 14.46
N ASP A 56 18.40 4.74 15.31
CA ASP A 56 17.51 5.69 15.97
C ASP A 56 18.28 6.41 17.08
N LEU A 57 19.09 5.70 17.85
CA LEU A 57 19.73 6.33 18.99
C LEU A 57 21.09 6.91 18.65
N ILE A 58 21.76 6.24 17.72
CA ILE A 58 23.09 6.63 17.33
C ILE A 58 23.14 6.87 15.82
N PRO A 59 23.35 8.08 15.32
CA PRO A 59 23.29 8.38 13.90
C PRO A 59 24.20 7.48 13.06
N PHE A 60 23.69 7.01 11.91
CA PHE A 60 24.49 6.14 11.06
C PHE A 60 25.76 6.91 10.65
N GLY A 61 26.87 6.24 10.94
CA GLY A 61 28.22 6.75 10.69
C GLY A 61 28.90 7.40 11.90
N SER A 62 28.19 7.54 13.03
CA SER A 62 28.63 8.30 14.18
C SER A 62 30.07 8.40 14.57
N SER A 63 30.89 7.33 14.53
CA SER A 63 32.23 7.30 15.11
C SER A 63 32.00 7.07 16.58
N ASP A 64 32.40 6.49 17.14
CA ASP A 64 32.60 5.37 18.06
C ASP A 64 33.17 5.93 19.39
N THR A 65 32.93 7.80 19.53
CA THR A 65 32.89 8.70 20.68
C THR A 65 31.60 9.53 20.69
N GLU A 66 31.11 9.74 19.45
CA GLU A 66 29.82 10.35 19.20
C GLU A 66 28.79 9.31 19.65
N ARG A 67 29.07 8.03 19.34
CA ARG A 67 28.25 6.90 19.76
C ARG A 67 28.21 6.84 21.29
N GLU A 68 29.42 6.88 21.89
CA GLU A 68 29.62 6.91 23.32
C GLU A 68 28.73 7.98 23.94
N SER A 69 28.75 9.16 23.33
CA SER A 69 27.99 10.26 23.88
C SER A 69 26.48 10.09 23.79
N HIS A 70 25.95 9.64 22.64
CA HIS A 70 24.50 9.46 22.50
C HIS A 70 24.01 8.41 23.50
N ILE A 71 24.79 7.35 23.73
CA ILE A 71 24.41 6.34 24.71
C ILE A 71 24.40 6.90 26.13
N LYS A 72 25.35 7.76 26.52
CA LYS A 72 25.41 8.25 27.89
C LYS A 72 24.22 9.15 28.17
N ARG A 73 23.83 9.96 27.23
CA ARG A 73 22.74 10.94 27.34
C ARG A 73 21.40 10.22 27.45
N PHE A 74 21.26 9.13 26.68
CA PHE A 74 20.06 8.32 26.64
C PHE A 74 19.88 7.65 27.99
N ARG A 75 20.99 7.06 28.47
CA ARG A 75 21.04 6.37 29.76
C ARG A 75 20.59 7.24 30.94
N GLN A 76 21.17 8.44 30.97
CA GLN A 76 20.89 9.40 31.99
C GLN A 76 19.44 9.79 31.95
N ALA A 77 18.82 9.95 30.75
CA ALA A 77 17.40 10.33 30.70
C ALA A 77 16.50 9.20 31.16
N LEU A 78 16.83 7.95 30.85
CA LEU A 78 16.07 6.76 31.34
C LEU A 78 16.13 6.66 32.86
N ASP A 79 17.35 6.87 33.39
CA ASP A 79 17.55 6.85 34.84
C ASP A 79 16.86 7.98 35.56
N ALA A 80 16.72 9.12 34.87
CA ALA A 80 16.01 10.25 35.42
C ALA A 80 14.53 9.96 35.58
N THR A 81 13.90 9.26 34.63
CA THR A 81 12.47 9.04 34.66
C THR A 81 11.94 7.66 35.12
N GLY A 82 12.82 6.67 35.30
CA GLY A 82 12.34 5.32 35.59
C GLY A 82 11.72 4.65 34.35
N MET A 83 12.08 5.15 33.14
CA MET A 83 11.67 4.58 31.87
C MET A 83 12.54 3.39 31.54
N THR A 84 11.91 2.31 31.10
CA THR A 84 12.61 1.10 30.77
C THR A 84 12.85 1.01 29.26
N VAL A 85 13.63 -0.02 28.87
CA VAL A 85 13.97 -0.32 27.48
C VAL A 85 13.79 -1.82 27.37
N PRO A 86 12.53 -2.28 27.15
CA PRO A 86 12.17 -3.71 27.13
C PRO A 86 12.60 -4.43 25.85
N MET A 87 12.82 -3.69 24.75
CA MET A 87 13.06 -4.31 23.46
C MET A 87 13.96 -3.43 22.65
N ALA A 88 14.73 -4.03 21.75
CA ALA A 88 15.50 -3.19 20.85
C ALA A 88 15.53 -3.95 19.54
N THR A 89 15.92 -3.27 18.46
CA THR A 89 15.93 -3.85 17.11
C THR A 89 17.06 -3.19 16.33
N THR A 90 17.26 -3.75 15.13
CA THR A 90 18.32 -3.26 14.25
C THR A 90 17.66 -2.64 13.02
N ASN A 91 18.27 -1.62 12.41
CA ASN A 91 17.77 -1.01 11.21
C ASN A 91 18.57 -1.65 10.04
N LEU A 92 17.90 -2.53 9.28
CA LEU A 92 18.50 -3.15 8.10
C LEU A 92 17.60 -2.84 6.88
N PHE A 93 17.10 -1.60 6.73
CA PHE A 93 16.18 -1.22 5.67
C PHE A 93 16.31 0.21 5.16
N THR A 94 16.80 1.17 5.96
CA THR A 94 17.00 2.55 5.48
C THR A 94 18.19 2.80 4.55
N HIS A 95 19.35 2.27 4.91
CA HIS A 95 20.53 2.61 4.12
C HIS A 95 20.50 1.84 2.76
N PRO A 96 20.81 2.45 1.60
CA PRO A 96 20.94 1.72 0.33
C PRO A 96 21.78 0.42 0.34
N VAL A 97 22.81 0.13 1.17
CA VAL A 97 23.47 -1.22 1.18
C VAL A 97 22.49 -2.41 1.42
N PHE A 98 21.36 -2.07 2.08
CA PHE A 98 20.23 -2.95 2.35
C PHE A 98 19.17 -3.01 1.25
N LYS A 99 19.30 -2.28 0.10
CA LYS A 99 18.22 -2.25 -0.92
C LYS A 99 17.76 -3.59 -1.46
N ASP A 100 18.59 -4.65 -1.35
CA ASP A 100 18.19 -5.99 -1.67
C ASP A 100 18.01 -6.95 -0.46
N GLY A 101 18.22 -6.46 0.75
CA GLY A 101 18.03 -7.25 1.97
C GLY A 101 19.22 -7.13 2.90
N GLY A 102 19.08 -7.60 4.12
CA GLY A 102 20.18 -7.67 5.07
C GLY A 102 20.69 -9.11 5.14
N PHE A 103 19.93 -9.98 5.83
CA PHE A 103 20.24 -11.41 5.99
C PHE A 103 20.14 -12.25 4.75
N THR A 104 19.50 -11.70 3.69
CA THR A 104 19.23 -12.44 2.47
C THR A 104 19.46 -11.59 1.24
N ALA A 105 20.29 -10.56 1.36
CA ALA A 105 20.75 -9.91 0.15
C ALA A 105 21.51 -11.00 -0.65
N ASN A 106 21.50 -10.87 -1.98
CA ASN A 106 22.24 -11.83 -2.79
C ASN A 106 23.73 -11.61 -2.56
N ASP A 107 24.17 -10.40 -2.22
CA ASP A 107 25.58 -10.13 -1.98
C ASP A 107 25.92 -10.63 -0.60
N ARG A 108 26.91 -11.55 -0.56
CA ARG A 108 27.43 -12.12 0.68
C ARG A 108 27.99 -11.14 1.68
N ASP A 109 28.79 -10.20 1.20
CA ASP A 109 29.37 -9.20 2.07
C ASP A 109 28.38 -8.22 2.69
N VAL A 110 27.19 -8.13 2.09
CA VAL A 110 26.16 -7.33 2.71
C VAL A 110 25.57 -8.25 3.77
N ARG A 111 25.45 -9.57 3.63
CA ARG A 111 24.92 -10.35 4.73
C ARG A 111 25.90 -10.37 5.94
N ARG A 112 27.22 -10.17 5.68
CA ARG A 112 28.22 -10.03 6.75
C ARG A 112 28.10 -8.69 7.43
N TYR A 113 28.01 -7.55 6.76
CA TYR A 113 27.77 -6.25 7.38
C TYR A 113 26.44 -6.19 8.17
N ALA A 114 25.39 -6.88 7.70
CA ALA A 114 24.14 -6.97 8.43
C ALA A 114 24.26 -7.76 9.73
N LEU A 115 24.88 -8.95 9.70
CA LEU A 115 25.08 -9.79 10.89
C LEU A 115 25.92 -9.09 11.93
N ARG A 116 27.02 -8.44 11.54
CA ARG A 116 27.86 -7.71 12.45
C ARG A 116 27.15 -6.50 13.03
N LYS A 117 26.40 -5.74 12.22
CA LYS A 117 25.57 -4.60 12.68
C LYS A 117 24.51 -5.01 13.75
N THR A 118 23.81 -6.13 13.55
CA THR A 118 22.89 -6.70 14.56
C THR A 118 23.59 -7.08 15.88
N ILE A 119 24.78 -7.67 15.83
CA ILE A 119 25.47 -8.09 17.06
C ILE A 119 25.94 -6.89 17.90
N ARG A 120 26.26 -5.77 17.21
CA ARG A 120 26.65 -4.53 17.87
C ARG A 120 25.54 -4.00 18.74
N ASN A 121 24.31 -4.07 18.20
CA ASN A 121 23.15 -3.60 18.93
C ASN A 121 22.58 -4.66 19.88
N ILE A 122 22.87 -5.96 19.76
CA ILE A 122 22.47 -6.95 20.76
C ILE A 122 23.26 -6.65 22.04
N ASP A 123 24.54 -6.33 21.91
CA ASP A 123 25.34 -5.97 23.10
C ASP A 123 24.84 -4.75 23.86
N LEU A 124 24.52 -3.70 23.10
CA LEU A 124 24.06 -2.47 23.69
C LEU A 124 22.67 -2.69 24.31
N ALA A 125 21.75 -3.36 23.59
CA ALA A 125 20.42 -3.64 24.06
C ALA A 125 20.48 -4.34 25.41
N VAL A 126 21.33 -5.39 25.55
CA VAL A 126 21.51 -6.13 26.80
C VAL A 126 21.90 -5.23 27.98
N GLU A 127 22.90 -4.34 27.79
CA GLU A 127 23.36 -3.44 28.84
C GLU A 127 22.23 -2.56 29.32
N LEU A 128 21.36 -2.07 28.39
CA LEU A 128 20.22 -1.22 28.71
C LEU A 128 19.04 -1.95 29.29
N GLY A 129 19.01 -3.25 29.26
CA GLY A 129 17.92 -3.96 29.90
C GLY A 129 16.88 -4.56 28.97
N ALA A 130 17.11 -4.51 27.66
CA ALA A 130 16.18 -5.15 26.73
C ALA A 130 16.13 -6.66 26.94
N LYS A 131 14.94 -7.37 27.37
CA LYS A 131 14.85 -8.85 27.39
C LYS A 131 14.22 -9.33 26.07
N THR A 132 13.97 -8.47 24.85
CA THR A 132 13.45 -8.99 23.60
C THR A 132 14.15 -8.17 22.54
N TYR A 133 14.55 -8.88 21.49
CA TYR A 133 15.25 -8.31 20.36
C TYR A 133 14.42 -8.64 19.10
N VAL A 134 13.83 -7.58 18.53
CA VAL A 134 13.00 -7.66 17.34
C VAL A 134 13.79 -7.71 16.04
N ALA A 135 13.35 -8.55 15.08
CA ALA A 135 13.98 -8.61 13.76
C ALA A 135 12.87 -8.53 12.74
N TRP A 136 12.78 -7.34 12.12
CA TRP A 136 11.86 -7.12 11.03
C TRP A 136 12.70 -6.98 9.75
N GLY A 137 12.73 -8.03 8.94
CA GLY A 137 13.41 -7.95 7.66
C GLY A 137 12.54 -7.28 6.60
N GLY A 138 12.43 -5.93 6.66
CA GLY A 138 11.64 -5.13 5.72
C GLY A 138 12.12 -5.21 4.27
N ARG A 139 13.43 -5.22 4.08
CA ARG A 139 14.02 -5.37 2.75
C ARG A 139 14.25 -6.84 2.36
N GLU A 140 13.96 -7.89 3.16
CA GLU A 140 14.20 -9.27 2.68
C GLU A 140 13.05 -9.68 1.75
N GLY A 141 13.25 -10.04 0.48
CA GLY A 141 12.14 -10.41 -0.38
C GLY A 141 12.42 -9.94 -1.80
N ALA A 142 11.35 -9.70 -2.56
CA ALA A 142 11.52 -9.36 -3.98
C ALA A 142 10.40 -8.58 -4.68
N GLU A 143 10.77 -8.10 -5.87
CA GLU A 143 9.82 -7.46 -6.75
C GLU A 143 9.57 -8.35 -7.96
N SER A 144 10.56 -9.14 -8.38
CA SER A 144 10.43 -10.01 -9.54
C SER A 144 10.78 -11.45 -9.16
N GLY A 145 10.42 -12.44 -9.97
CA GLY A 145 10.54 -13.84 -9.54
C GLY A 145 11.93 -14.43 -9.48
N ALA A 146 12.74 -14.30 -10.54
CA ALA A 146 14.08 -14.87 -10.61
C ALA A 146 15.10 -14.17 -9.70
N ALA A 147 14.77 -12.92 -9.29
CA ALA A 147 15.62 -12.14 -8.37
C ALA A 147 15.97 -12.88 -7.05
N LYS A 148 15.08 -13.76 -6.58
CA LYS A 148 15.28 -14.35 -5.29
C LYS A 148 14.88 -15.79 -5.34
N ASP A 149 15.85 -16.66 -5.10
CA ASP A 149 15.52 -18.06 -5.02
C ASP A 149 15.02 -18.16 -3.60
N VAL A 150 13.95 -18.40 -3.34
CA VAL A 150 13.44 -18.17 -1.99
C VAL A 150 13.79 -19.36 -1.08
N ARG A 151 13.83 -20.62 -1.55
CA ARG A 151 14.36 -21.74 -0.74
C ARG A 151 15.82 -21.49 -0.32
N VAL A 152 16.70 -20.91 -1.17
CA VAL A 152 18.05 -20.52 -0.74
C VAL A 152 17.98 -19.26 0.11
N ALA A 153 16.96 -18.37 -0.06
CA ALA A 153 16.87 -17.26 0.86
C ALA A 153 16.45 -17.80 2.21
N LEU A 154 15.57 -18.81 2.34
CA LEU A 154 15.26 -19.35 3.69
C LEU A 154 16.45 -20.03 4.34
N ASP A 155 17.37 -20.58 3.50
CA ASP A 155 18.72 -20.95 3.97
C ASP A 155 19.53 -19.77 4.53
N ARG A 156 19.72 -18.68 3.81
CA ARG A 156 20.39 -17.51 4.37
C ARG A 156 19.67 -16.85 5.57
N MET A 157 18.35 -17.01 5.68
CA MET A 157 17.69 -16.40 6.83
C MET A 157 18.02 -17.21 8.10
N LYS A 158 17.91 -18.52 7.92
CA LYS A 158 18.16 -19.41 9.01
C LYS A 158 19.60 -19.27 9.43
N GLU A 159 20.57 -19.17 8.52
CA GLU A 159 21.95 -19.02 8.91
C GLU A 159 22.19 -17.84 9.86
N ALA A 160 21.67 -16.66 9.46
CA ALA A 160 21.79 -15.47 10.29
C ALA A 160 21.16 -15.69 11.66
N PHE A 161 19.86 -16.04 11.76
CA PHE A 161 19.24 -16.26 13.06
C PHE A 161 19.94 -17.34 13.87
N ASP A 162 20.44 -18.43 13.27
CA ASP A 162 21.31 -19.37 13.97
C ASP A 162 22.59 -18.76 14.53
N LEU A 163 23.39 -17.99 13.79
CA LEU A 163 24.61 -17.34 14.27
C LEU A 163 24.30 -16.31 15.37
N LEU A 164 23.17 -15.60 15.26
CA LEU A 164 22.71 -14.67 16.27
C LEU A 164 22.34 -15.44 17.53
N GLY A 165 21.80 -16.67 17.45
CA GLY A 165 21.50 -17.45 18.62
C GLY A 165 22.79 -17.94 19.31
N GLU A 166 23.78 -18.31 18.49
CA GLU A 166 25.06 -18.76 18.97
C GLU A 166 25.78 -17.65 19.68
N TYR A 167 25.65 -16.45 19.09
CA TYR A 167 26.24 -15.28 19.63
C TYR A 167 25.67 -14.98 21.00
N VAL A 168 24.34 -14.93 21.15
CA VAL A 168 23.83 -14.51 22.43
C VAL A 168 24.05 -15.63 23.44
N THR A 169 24.03 -16.93 23.10
CA THR A 169 24.26 -17.97 24.11
C THR A 169 25.74 -18.04 24.52
N SER A 170 26.67 -17.85 23.58
CA SER A 170 28.07 -17.74 23.94
C SER A 170 28.29 -16.57 24.89
N GLN A 171 27.48 -15.50 24.75
CA GLN A 171 27.60 -14.39 25.66
C GLN A 171 26.83 -14.65 26.97
N GLY A 172 25.95 -15.65 27.15
CA GLY A 172 25.19 -15.76 28.40
C GLY A 172 24.06 -14.71 28.49
N TYR A 173 23.81 -14.03 27.36
CA TYR A 173 22.75 -13.05 27.23
C TYR A 173 21.37 -13.68 27.32
N ASP A 174 20.75 -13.09 28.32
CA ASP A 174 19.38 -13.34 28.71
C ASP A 174 18.60 -12.36 27.84
N THR A 175 18.25 -12.81 26.65
CA THR A 175 17.51 -12.00 25.69
C THR A 175 17.01 -13.04 24.70
N ARG A 176 15.88 -12.72 24.14
CA ARG A 176 15.26 -13.58 23.15
C ARG A 176 14.93 -12.77 21.93
N PHE A 177 14.79 -13.47 20.80
CA PHE A 177 14.43 -12.83 19.55
C PHE A 177 12.94 -12.92 19.22
N ALA A 178 12.37 -11.87 18.61
CA ALA A 178 11.00 -11.88 18.12
C ALA A 178 10.97 -11.28 16.70
N ILE A 179 10.82 -12.24 15.79
CA ILE A 179 10.71 -11.99 14.37
C ILE A 179 9.40 -11.29 14.04
N GLU A 180 9.45 -10.20 13.25
CA GLU A 180 8.25 -9.48 12.91
C GLU A 180 7.92 -9.80 11.47
N PRO A 181 6.79 -10.44 11.17
CA PRO A 181 6.35 -10.62 9.78
C PRO A 181 5.76 -9.36 9.19
N LYS A 182 5.67 -9.29 7.87
CA LYS A 182 4.97 -8.20 7.18
C LYS A 182 4.87 -8.71 5.75
N PRO A 183 3.72 -8.55 5.03
CA PRO A 183 3.54 -9.20 3.71
C PRO A 183 4.24 -8.47 2.60
N ASN A 184 4.25 -7.15 2.65
CA ASN A 184 4.85 -6.37 1.60
C ASN A 184 5.10 -4.99 2.20
N GLU A 185 5.80 -4.19 1.35
CA GLU A 185 6.24 -2.83 1.61
C GLU A 185 7.30 -2.81 2.73
N PRO A 186 8.57 -2.51 2.43
CA PRO A 186 9.04 -1.90 1.18
C PRO A 186 9.38 -2.79 0.01
N ARG A 187 9.10 -4.07 0.11
CA ARG A 187 9.35 -4.95 -1.00
C ARG A 187 7.98 -5.41 -1.52
N GLY A 188 7.95 -5.67 -2.83
CA GLY A 188 6.76 -6.20 -3.49
C GLY A 188 6.12 -7.37 -2.74
N ASP A 189 6.95 -8.31 -2.31
CA ASP A 189 6.56 -9.35 -1.38
C ASP A 189 7.75 -9.49 -0.45
N ILE A 190 7.46 -9.60 0.85
CA ILE A 190 8.47 -9.83 1.90
C ILE A 190 8.51 -11.27 2.37
N LEU A 191 9.72 -11.73 2.67
CA LEU A 191 9.87 -13.07 3.21
C LEU A 191 9.32 -13.15 4.64
N LEU A 192 8.74 -14.33 4.97
CA LEU A 192 8.03 -14.65 6.20
C LEU A 192 6.86 -13.70 6.36
N PRO A 193 5.86 -13.69 5.43
CA PRO A 193 4.92 -12.57 5.24
C PRO A 193 3.81 -12.42 6.30
N THR A 194 3.48 -13.51 7.01
CA THR A 194 2.43 -13.49 8.02
C THR A 194 2.99 -14.08 9.30
N VAL A 195 2.14 -14.11 10.35
CA VAL A 195 2.44 -14.72 11.64
C VAL A 195 2.74 -16.20 11.45
N GLY A 196 1.81 -16.90 10.76
CA GLY A 196 1.93 -18.32 10.49
C GLY A 196 3.25 -18.60 9.81
N HIS A 197 3.64 -17.82 8.78
CA HIS A 197 4.94 -18.00 8.12
C HIS A 197 6.17 -17.82 9.05
N ALA A 198 6.17 -16.82 9.94
CA ALA A 198 7.23 -16.68 10.94
C ALA A 198 7.31 -17.83 11.96
N LEU A 199 6.16 -18.28 12.45
CA LEU A 199 6.02 -19.38 13.39
C LEU A 199 6.53 -20.69 12.80
N ALA A 200 6.29 -20.87 11.50
CA ALA A 200 6.71 -22.11 10.85
C ALA A 200 8.23 -22.11 10.70
N PHE A 201 8.85 -20.98 10.30
CA PHE A 201 10.29 -20.82 10.13
C PHE A 201 11.09 -21.13 11.40
N ILE A 202 10.55 -20.65 12.54
CA ILE A 202 11.18 -20.87 13.85
C ILE A 202 11.43 -22.33 14.21
N GLU A 203 10.52 -23.20 13.87
CA GLU A 203 10.65 -24.60 14.19
C GLU A 203 11.83 -25.30 13.57
N ARG A 204 12.35 -24.70 12.49
CA ARG A 204 13.50 -25.24 11.80
C ARG A 204 14.81 -24.64 12.30
N LEU A 205 14.81 -23.75 13.29
CA LEU A 205 16.06 -23.14 13.74
C LEU A 205 16.77 -24.06 14.71
N GLU A 206 18.06 -23.88 14.98
CA GLU A 206 18.76 -24.81 15.87
C GLU A 206 18.32 -24.73 17.31
N ARG A 207 17.84 -23.55 17.76
CA ARG A 207 17.41 -23.30 19.14
C ARG A 207 16.06 -22.58 19.05
N PRO A 208 14.97 -23.29 18.66
CA PRO A 208 13.62 -22.74 18.50
C PRO A 208 13.12 -21.93 19.69
N GLU A 209 13.59 -22.33 20.90
CA GLU A 209 13.31 -21.65 22.16
C GLU A 209 13.84 -20.22 22.23
N LEU A 210 14.90 -19.78 21.52
CA LEU A 210 15.31 -18.39 21.64
C LEU A 210 14.50 -17.49 20.74
N TYR A 211 13.50 -18.02 20.04
CA TYR A 211 12.79 -17.22 19.04
C TYR A 211 11.28 -17.37 19.20
N GLY A 212 10.69 -16.19 18.95
CA GLY A 212 9.26 -16.00 18.97
C GLY A 212 8.86 -14.99 17.89
N VAL A 213 7.63 -14.51 18.00
CA VAL A 213 7.11 -13.55 17.02
C VAL A 213 6.66 -12.24 17.65
N ASN A 214 6.79 -11.20 16.82
CA ASN A 214 6.39 -9.88 17.24
C ASN A 214 5.38 -9.47 16.18
N PRO A 215 4.08 -9.74 16.24
CA PRO A 215 3.17 -9.42 15.16
C PRO A 215 2.67 -8.00 15.32
N GLU A 216 2.39 -7.41 14.16
CA GLU A 216 1.76 -6.11 14.17
C GLU A 216 0.36 -6.19 13.58
N VAL A 217 -0.52 -5.38 14.23
CA VAL A 217 -1.92 -5.25 13.80
C VAL A 217 -2.00 -4.94 12.29
N GLY A 218 -1.35 -3.85 11.86
CA GLY A 218 -1.38 -3.42 10.46
C GLY A 218 -0.83 -4.48 9.50
N HIS A 219 0.20 -5.27 9.86
CA HIS A 219 0.82 -6.22 8.92
C HIS A 219 -0.08 -7.39 8.56
N GLU A 220 -0.76 -7.96 9.56
CA GLU A 220 -1.69 -9.04 9.27
C GLU A 220 -2.92 -8.51 8.50
N GLN A 221 -3.37 -7.30 8.87
CA GLN A 221 -4.46 -6.62 8.15
C GLN A 221 -4.08 -6.30 6.71
N MET A 222 -2.78 -6.15 6.38
CA MET A 222 -2.42 -5.94 4.99
C MET A 222 -2.78 -7.08 4.04
N ALA A 223 -2.88 -8.28 4.63
CA ALA A 223 -3.29 -9.47 3.92
C ALA A 223 -4.74 -9.91 4.16
N GLY A 224 -5.51 -9.02 4.83
CA GLY A 224 -6.90 -9.29 5.16
C GLY A 224 -7.11 -10.41 6.20
N LEU A 225 -6.09 -10.76 6.98
CA LEU A 225 -6.19 -11.82 8.00
C LEU A 225 -6.83 -11.33 9.28
N ASN A 226 -7.32 -12.24 10.12
CA ASN A 226 -7.87 -11.83 11.38
C ASN A 226 -6.71 -11.73 12.40
N PHE A 227 -6.42 -10.49 12.78
CA PHE A 227 -5.32 -10.24 13.69
C PHE A 227 -5.58 -10.84 15.05
N PRO A 228 -6.73 -10.73 15.78
CA PRO A 228 -6.99 -11.54 16.97
C PRO A 228 -6.71 -13.03 16.73
N HIS A 229 -7.12 -13.72 15.64
CA HIS A 229 -6.87 -15.16 15.44
C HIS A 229 -5.39 -15.52 15.27
N GLY A 230 -4.71 -14.56 14.64
CA GLY A 230 -3.29 -14.68 14.43
C GLY A 230 -2.60 -14.58 15.76
N ILE A 231 -3.05 -13.67 16.63
CA ILE A 231 -2.44 -13.61 17.96
C ILE A 231 -2.77 -14.86 18.78
N ALA A 232 -3.94 -15.47 18.60
CA ALA A 232 -4.29 -16.66 19.33
C ALA A 232 -3.51 -17.90 18.94
N GLN A 233 -3.12 -18.01 17.67
CA GLN A 233 -2.33 -19.14 17.27
C GLN A 233 -0.94 -18.96 17.85
N ALA A 234 -0.39 -17.74 17.86
CA ALA A 234 0.92 -17.51 18.45
C ALA A 234 0.95 -17.75 19.95
N LEU A 235 -0.08 -17.37 20.74
CA LEU A 235 -0.13 -17.72 22.17
C LEU A 235 -0.39 -19.20 22.30
N TRP A 236 -1.17 -19.84 21.42
CA TRP A 236 -1.33 -21.29 21.46
C TRP A 236 0.05 -21.97 21.28
N ALA A 237 0.95 -21.40 20.48
CA ALA A 237 2.25 -22.00 20.24
C ALA A 237 3.28 -21.59 21.30
N GLY A 238 2.96 -20.62 22.18
CA GLY A 238 3.83 -20.19 23.25
C GLY A 238 4.87 -19.17 22.81
N LYS A 239 4.58 -18.53 21.66
CA LYS A 239 5.60 -17.75 21.01
C LYS A 239 5.40 -16.26 20.91
N LEU A 240 4.38 -15.75 21.60
CA LEU A 240 4.19 -14.31 21.56
C LEU A 240 5.12 -13.68 22.58
N PHE A 241 6.24 -13.21 21.99
CA PHE A 241 7.26 -12.58 22.79
C PHE A 241 7.11 -11.09 22.99
N HIS A 242 6.33 -10.41 22.14
CA HIS A 242 6.14 -8.95 22.14
C HIS A 242 5.07 -8.66 21.06
N ILE A 243 4.56 -7.42 21.04
CA ILE A 243 3.62 -7.02 19.99
C ILE A 243 3.69 -5.55 19.54
N ASP A 244 3.35 -5.22 18.27
CA ASP A 244 3.21 -3.84 17.83
C ASP A 244 1.76 -3.57 17.41
N LEU A 245 1.28 -2.58 18.15
CA LEU A 245 -0.09 -2.14 18.17
C LEU A 245 -0.14 -0.89 17.38
N ASN A 246 -1.20 -0.83 16.54
CA ASN A 246 -1.56 0.33 15.71
C ASN A 246 -2.90 0.04 14.99
N GLY A 247 -3.21 0.76 13.91
CA GLY A 247 -4.45 0.55 13.19
C GLY A 247 -4.17 0.71 11.69
N GLN A 248 -5.13 0.15 10.95
CA GLN A 248 -4.95 0.07 9.52
C GLN A 248 -6.35 0.02 8.92
N SER A 249 -6.67 0.82 7.91
CA SER A 249 -7.97 0.71 7.26
C SER A 249 -7.96 -0.24 6.06
N GLY A 250 -7.84 -1.53 6.30
CA GLY A 250 -7.89 -2.53 5.26
C GLY A 250 -6.64 -2.64 4.41
N ILE A 251 -6.87 -3.25 3.23
CA ILE A 251 -5.77 -3.62 2.35
C ILE A 251 -5.35 -2.51 1.40
N LYS A 252 -4.17 -1.99 1.76
CA LYS A 252 -3.53 -0.86 1.10
C LYS A 252 -2.18 -0.71 1.78
N TYR A 253 -1.48 0.39 1.49
CA TYR A 253 -0.20 0.70 2.09
C TYR A 253 -0.25 0.62 3.62
N ASP A 254 0.89 0.40 4.32
CA ASP A 254 0.77 0.43 5.78
C ASP A 254 0.70 1.88 6.30
N GLN A 255 -0.46 2.26 6.84
CA GLN A 255 -0.67 3.58 7.44
C GLN A 255 -0.12 3.73 8.87
N ASP A 256 -0.17 2.65 9.68
CA ASP A 256 0.25 2.76 11.09
C ASP A 256 -0.54 3.86 11.80
N LEU A 257 -1.86 3.74 11.76
CA LEU A 257 -2.72 4.74 12.41
C LEU A 257 -2.56 4.47 13.91
N ARG A 258 -3.06 5.34 14.80
CA ARG A 258 -2.92 5.13 16.23
C ARG A 258 -3.76 3.91 16.60
N PHE A 259 -3.37 3.21 17.69
CA PHE A 259 -4.17 2.06 18.08
C PHE A 259 -5.59 2.57 18.47
N GLY A 260 -6.59 1.83 17.96
CA GLY A 260 -7.98 2.21 18.14
C GLY A 260 -8.57 2.58 16.79
N ALA A 261 -7.82 3.31 15.95
CA ALA A 261 -8.27 3.67 14.61
C ALA A 261 -8.17 2.46 13.65
N GLY A 262 -8.87 2.55 12.53
CA GLY A 262 -8.85 1.48 11.57
C GLY A 262 -10.00 0.57 11.85
N ASP A 263 -9.63 -0.71 12.10
CA ASP A 263 -10.61 -1.73 12.42
C ASP A 263 -10.82 -1.75 13.93
N LEU A 264 -11.73 -0.87 14.36
CA LEU A 264 -11.97 -0.72 15.78
C LEU A 264 -12.44 -2.01 16.43
N ARG A 265 -13.36 -2.82 15.86
CA ARG A 265 -13.77 -4.06 16.52
C ARG A 265 -12.64 -5.08 16.61
N ALA A 266 -11.74 -5.20 15.63
CA ALA A 266 -10.59 -6.06 15.78
C ALA A 266 -9.73 -5.59 16.95
N ALA A 267 -9.64 -4.28 17.26
CA ALA A 267 -8.87 -3.78 18.39
C ALA A 267 -9.57 -4.21 19.69
N PHE A 268 -10.91 -4.26 19.71
CA PHE A 268 -11.73 -4.70 20.83
C PHE A 268 -11.38 -6.16 21.11
N TRP A 269 -11.56 -6.96 20.06
CA TRP A 269 -11.29 -8.39 20.11
C TRP A 269 -9.81 -8.71 20.40
N LEU A 270 -8.88 -7.82 20.05
CA LEU A 270 -7.49 -8.05 20.35
C LEU A 270 -7.24 -7.90 21.86
N VAL A 271 -7.69 -6.78 22.42
CA VAL A 271 -7.51 -6.48 23.83
C VAL A 271 -8.28 -7.50 24.69
N ASP A 272 -9.47 -7.97 24.30
CA ASP A 272 -10.10 -9.07 25.01
C ASP A 272 -9.16 -10.29 25.03
N LEU A 273 -8.47 -10.57 23.91
CA LEU A 273 -7.61 -11.72 23.85
C LEU A 273 -6.41 -11.59 24.77
N LEU A 274 -5.63 -10.51 24.69
CA LEU A 274 -4.41 -10.28 25.45
C LEU A 274 -4.69 -10.16 26.93
N GLU A 275 -5.87 -9.63 27.28
CA GLU A 275 -6.12 -9.47 28.70
C GLU A 275 -6.60 -10.77 29.27
N SER A 276 -7.45 -11.47 28.50
CA SER A 276 -7.86 -12.81 28.87
C SER A 276 -6.68 -13.79 28.85
N ALA A 277 -5.79 -13.62 27.86
CA ALA A 277 -4.65 -14.50 27.66
C ALA A 277 -3.75 -14.50 28.87
N GLY A 278 -3.69 -13.30 29.46
CA GLY A 278 -2.81 -13.09 30.56
C GLY A 278 -1.48 -12.63 30.01
N TYR A 279 -1.42 -12.22 28.71
CA TYR A 279 -0.21 -11.67 28.10
C TYR A 279 0.34 -10.57 29.02
N GLU A 280 1.63 -10.65 29.33
CA GLU A 280 2.24 -9.70 30.25
C GLU A 280 3.53 -9.06 29.70
N GLY A 281 3.68 -9.09 28.37
CA GLY A 281 4.80 -8.42 27.75
C GLY A 281 4.41 -6.96 27.55
N PRO A 282 5.15 -6.16 26.79
CA PRO A 282 4.80 -4.78 26.50
C PRO A 282 3.58 -4.63 25.58
N ARG A 283 2.87 -3.53 25.81
CA ARG A 283 1.86 -3.09 24.87
C ARG A 283 2.61 -2.05 24.04
N HIS A 284 3.26 -2.49 22.95
CA HIS A 284 4.09 -1.55 22.23
C HIS A 284 3.34 -0.93 21.07
N PHE A 285 3.38 0.39 20.95
CA PHE A 285 2.78 1.09 19.83
C PHE A 285 3.82 1.39 18.77
N ASP A 286 3.45 0.91 17.57
CA ASP A 286 4.25 1.18 16.39
C ASP A 286 3.34 1.94 15.43
N PHE A 287 3.26 3.24 15.63
CA PHE A 287 2.33 4.06 14.87
C PHE A 287 3.09 5.27 14.39
N LYS A 288 2.47 5.96 13.47
CA LYS A 288 2.99 7.20 12.96
C LYS A 288 1.94 8.27 13.25
N PRO A 289 2.14 9.38 13.99
CA PRO A 289 1.15 10.47 14.01
C PRO A 289 1.06 10.94 12.55
N PRO A 290 -0.09 11.20 11.91
CA PRO A 290 -0.19 11.65 10.51
C PRO A 290 0.67 12.85 10.16
N ARG A 291 1.10 13.02 8.89
CA ARG A 291 2.02 14.13 8.61
C ARG A 291 1.29 15.48 8.56
N THR A 292 -0.07 15.40 8.63
CA THR A 292 -0.95 16.56 8.80
C THR A 292 -0.70 17.30 10.14
N GLU A 293 -0.20 16.56 11.15
CA GLU A 293 -0.06 16.99 12.55
C GLU A 293 1.24 17.63 12.90
N ASP A 294 1.11 18.68 13.72
CA ASP A 294 2.31 19.31 14.27
C ASP A 294 2.80 18.57 15.52
N ILE A 295 3.69 19.13 16.36
CA ILE A 295 4.16 18.33 17.48
C ILE A 295 3.07 18.24 18.58
N ASP A 296 2.20 19.20 18.83
CA ASP A 296 1.09 18.98 19.75
C ASP A 296 0.21 17.80 19.31
N GLY A 297 -0.19 17.79 18.01
CA GLY A 297 -0.96 16.69 17.43
C GLY A 297 -0.21 15.35 17.50
N VAL A 298 1.13 15.34 17.44
CA VAL A 298 1.90 14.13 17.70
C VAL A 298 1.56 13.65 19.12
N TRP A 299 1.57 14.54 20.13
CA TRP A 299 1.26 14.08 21.46
C TRP A 299 -0.22 13.79 21.61
N ALA A 300 -1.16 14.45 20.94
CA ALA A 300 -2.57 14.01 21.07
C ALA A 300 -2.76 12.58 20.50
N SER A 301 -1.91 12.14 19.53
CA SER A 301 -2.04 10.80 18.96
C SER A 301 -1.32 9.72 19.81
N ALA A 302 -0.14 10.00 20.42
CA ALA A 302 0.48 9.01 21.31
C ALA A 302 -0.40 8.82 22.56
N ALA A 303 -1.03 9.90 23.08
CA ALA A 303 -1.95 9.74 24.20
C ALA A 303 -3.22 8.96 23.79
N GLY A 304 -3.66 9.11 22.50
CA GLY A 304 -4.83 8.40 21.94
C GLY A 304 -4.68 6.87 21.94
N CYS A 305 -3.45 6.42 21.66
CA CYS A 305 -3.08 5.01 21.69
C CYS A 305 -3.38 4.35 23.03
N MET A 306 -2.81 4.99 24.07
CA MET A 306 -2.93 4.49 25.44
C MET A 306 -4.40 4.54 25.90
N ARG A 307 -5.06 5.69 25.64
CA ARG A 307 -6.48 5.87 25.99
C ARG A 307 -7.40 4.84 25.33
N ASN A 308 -7.15 4.55 24.04
CA ASN A 308 -7.99 3.57 23.36
C ASN A 308 -7.84 2.17 23.91
N TYR A 309 -6.59 1.81 24.23
CA TYR A 309 -6.37 0.51 24.80
C TYR A 309 -7.10 0.48 26.14
N LEU A 310 -7.11 1.57 26.93
CA LEU A 310 -7.69 1.46 28.27
C LEU A 310 -9.20 1.47 28.25
N ILE A 311 -9.85 2.19 27.29
CA ILE A 311 -11.29 2.07 27.18
C ILE A 311 -11.63 0.63 26.81
N LEU A 312 -10.90 0.11 25.81
CA LEU A 312 -11.13 -1.22 25.27
C LEU A 312 -10.96 -2.28 26.32
N LYS A 313 -9.98 -2.16 27.24
CA LYS A 313 -9.78 -3.16 28.28
C LYS A 313 -10.99 -3.18 29.22
N GLU A 314 -11.44 -1.96 29.56
CA GLU A 314 -12.61 -1.75 30.41
C GLU A 314 -13.87 -2.26 29.71
N ARG A 315 -14.10 -2.01 28.40
CA ARG A 315 -15.31 -2.52 27.78
C ARG A 315 -15.25 -4.06 27.67
N ALA A 316 -14.08 -4.65 27.35
CA ALA A 316 -13.98 -6.09 27.16
C ALA A 316 -14.17 -6.78 28.49
N ALA A 317 -13.59 -6.20 29.54
CA ALA A 317 -13.67 -6.74 30.90
C ALA A 317 -15.13 -6.81 31.38
N ALA A 318 -15.91 -5.77 31.03
CA ALA A 318 -17.30 -5.73 31.41
C ALA A 318 -18.12 -6.68 30.59
N PHE A 319 -17.79 -6.89 29.29
CA PHE A 319 -18.51 -7.83 28.42
C PHE A 319 -18.40 -9.23 29.01
N ARG A 320 -17.16 -9.65 29.34
CA ARG A 320 -16.97 -10.99 29.88
C ARG A 320 -17.55 -11.16 31.27
N ALA A 321 -17.66 -10.12 32.08
CA ALA A 321 -18.24 -10.22 33.41
C ALA A 321 -19.77 -10.19 33.45
N ASP A 322 -20.37 -9.88 32.33
CA ASP A 322 -21.78 -9.73 32.26
C ASP A 322 -22.53 -11.08 32.28
N PRO A 323 -23.46 -11.33 33.23
CA PRO A 323 -24.28 -12.54 33.36
C PRO A 323 -24.96 -12.99 32.11
N GLU A 324 -25.42 -11.95 31.40
CA GLU A 324 -26.04 -12.12 30.11
C GLU A 324 -25.13 -12.73 29.11
N VAL A 325 -23.92 -12.19 29.02
CA VAL A 325 -22.91 -12.70 28.08
C VAL A 325 -22.57 -14.13 28.50
N GLN A 326 -22.46 -14.42 29.80
CA GLN A 326 -22.12 -15.76 30.25
C GLN A 326 -23.14 -16.77 29.80
N GLU A 327 -24.42 -16.42 29.95
CA GLU A 327 -25.48 -17.33 29.55
C GLU A 327 -25.51 -17.55 28.02
N ALA A 328 -25.31 -16.47 27.25
CA ALA A 328 -25.19 -16.52 25.78
C ALA A 328 -24.02 -17.40 25.27
N LEU A 329 -22.84 -17.36 25.91
CA LEU A 329 -21.65 -18.18 25.62
C LEU A 329 -21.94 -19.65 25.83
N ARG A 330 -22.72 -19.92 26.90
CA ARG A 330 -23.18 -21.26 27.18
C ARG A 330 -24.15 -21.75 26.13
N ALA A 331 -25.07 -20.86 25.75
CA ALA A 331 -26.08 -21.05 24.69
C ALA A 331 -25.45 -21.29 23.33
N SER A 332 -24.25 -20.73 23.07
CA SER A 332 -23.46 -20.94 21.83
C SER A 332 -22.40 -22.01 21.99
N ARG A 333 -22.55 -22.78 23.09
CA ARG A 333 -21.70 -23.87 23.50
C ARG A 333 -20.22 -23.64 23.42
N LEU A 334 -19.77 -22.43 23.82
CA LEU A 334 -18.34 -22.26 23.97
C LEU A 334 -17.82 -23.17 25.06
N ASP A 335 -18.64 -23.57 26.03
CA ASP A 335 -18.15 -24.55 26.98
C ASP A 335 -18.02 -25.93 26.36
N GLU A 336 -18.94 -26.42 25.52
CA GLU A 336 -18.77 -27.73 24.88
C GLU A 336 -17.47 -27.77 24.04
N LEU A 337 -17.12 -26.66 23.38
CA LEU A 337 -15.89 -26.60 22.61
C LEU A 337 -14.66 -26.95 23.46
N ALA A 338 -14.67 -26.71 24.76
CA ALA A 338 -13.54 -27.02 25.63
C ALA A 338 -13.56 -28.48 26.10
N GLN A 339 -14.64 -29.25 26.01
CA GLN A 339 -14.60 -30.64 26.37
C GLN A 339 -13.91 -31.36 25.20
N PRO A 340 -13.02 -32.33 25.47
CA PRO A 340 -12.41 -33.13 24.42
C PRO A 340 -13.41 -33.84 23.52
N THR A 341 -13.21 -33.83 22.20
CA THR A 341 -14.06 -34.59 21.29
C THR A 341 -14.16 -36.09 21.59
N ALA A 342 -12.99 -36.66 21.99
CA ALA A 342 -12.82 -38.12 22.15
C ALA A 342 -11.68 -38.49 23.06
N ALA A 343 -11.80 -38.10 24.32
CA ALA A 343 -10.91 -38.58 25.37
C ALA A 343 -11.74 -39.80 25.73
N ASP A 344 -11.22 -40.93 25.25
CA ASP A 344 -11.81 -42.30 25.32
C ASP A 344 -11.18 -43.08 24.16
N GLY A 345 -10.22 -42.36 23.49
CA GLY A 345 -9.31 -42.88 22.51
C GLY A 345 -10.02 -43.24 21.24
N VAL A 346 -9.17 -43.58 20.26
CA VAL A 346 -9.75 -43.87 18.97
C VAL A 346 -10.58 -45.17 18.98
N GLN A 347 -10.20 -46.09 19.87
CA GLN A 347 -10.87 -47.38 19.88
C GLN A 347 -12.29 -47.28 20.40
N GLU A 348 -12.59 -46.66 21.57
CA GLU A 348 -13.98 -46.55 21.98
C GLU A 348 -14.70 -45.53 21.12
N LEU A 349 -14.01 -44.58 20.46
CA LEU A 349 -14.69 -43.71 19.52
C LEU A 349 -15.27 -44.52 18.40
N LEU A 350 -14.44 -45.39 17.86
CA LEU A 350 -14.80 -46.26 16.74
C LEU A 350 -15.94 -47.20 17.01
N ALA A 351 -16.11 -47.64 18.26
CA ALA A 351 -17.22 -48.51 18.65
C ALA A 351 -18.40 -47.78 19.26
N ASP A 352 -18.33 -46.45 19.32
CA ASP A 352 -19.42 -45.67 19.85
C ASP A 352 -20.41 -45.48 18.72
N ARG A 353 -21.40 -46.37 18.68
CA ARG A 353 -22.49 -46.23 17.72
C ARG A 353 -23.23 -44.91 17.81
N THR A 354 -23.14 -44.13 18.90
CA THR A 354 -23.78 -42.82 18.87
C THR A 354 -22.91 -41.78 18.20
N ALA A 355 -21.65 -42.04 17.92
CA ALA A 355 -20.82 -41.11 17.16
C ALA A 355 -21.13 -41.16 15.65
N PHE A 356 -21.81 -42.24 15.17
CA PHE A 356 -22.05 -42.30 13.75
C PHE A 356 -23.39 -42.89 13.32
N GLU A 357 -23.49 -44.21 13.49
CA GLU A 357 -24.64 -45.01 13.06
C GLU A 357 -25.94 -44.49 13.62
N ASP A 358 -25.90 -44.07 14.90
CA ASP A 358 -27.08 -43.58 15.57
C ASP A 358 -26.89 -42.14 16.04
N PHE A 359 -26.03 -41.41 15.31
CA PHE A 359 -25.96 -39.99 15.51
C PHE A 359 -27.11 -39.52 14.63
N ASP A 360 -27.92 -38.61 15.17
CA ASP A 360 -28.98 -37.99 14.37
C ASP A 360 -28.54 -36.61 13.82
N VAL A 361 -28.16 -36.55 12.52
CA VAL A 361 -27.60 -35.33 11.97
C VAL A 361 -28.64 -34.29 11.68
N ASP A 362 -29.90 -34.75 11.81
CA ASP A 362 -30.91 -33.74 11.46
C ASP A 362 -31.29 -32.94 12.70
N ALA A 363 -31.24 -33.56 13.88
CA ALA A 363 -31.54 -32.82 15.11
C ALA A 363 -30.28 -32.01 15.51
N ALA A 364 -29.13 -32.44 15.02
CA ALA A 364 -27.87 -31.71 15.27
C ALA A 364 -27.78 -30.51 14.32
N ALA A 365 -28.18 -30.68 13.01
CA ALA A 365 -28.26 -29.60 12.03
C ALA A 365 -29.34 -28.54 12.27
N ALA A 366 -30.41 -28.91 13.00
CA ALA A 366 -31.48 -27.98 13.26
C ALA A 366 -31.19 -26.91 14.32
N ARG A 367 -30.26 -27.22 15.24
CA ARG A 367 -29.89 -26.38 16.38
C ARG A 367 -29.29 -25.05 15.98
N GLY A 368 -29.75 -23.89 16.44
CA GLY A 368 -29.10 -22.63 16.10
C GLY A 368 -27.82 -22.44 16.92
N MET A 369 -26.77 -21.76 16.43
CA MET A 369 -25.56 -21.60 17.25
C MET A 369 -25.68 -20.44 18.25
N ALA A 370 -26.72 -19.59 18.08
CA ALA A 370 -26.94 -18.38 18.87
C ALA A 370 -25.79 -17.37 18.87
N PHE A 371 -24.99 -17.32 17.76
CA PHE A 371 -23.90 -16.35 17.64
C PHE A 371 -24.38 -14.94 17.31
N GLU A 372 -25.46 -14.63 16.57
CA GLU A 372 -25.83 -13.24 16.34
C GLU A 372 -26.22 -12.50 17.64
N ARG A 373 -26.96 -13.21 18.51
CA ARG A 373 -27.34 -12.64 19.81
C ARG A 373 -26.11 -12.42 20.69
N LEU A 374 -25.16 -13.37 20.75
CA LEU A 374 -23.90 -13.21 21.49
C LEU A 374 -23.05 -12.07 20.95
N ASP A 375 -22.96 -11.93 19.61
CA ASP A 375 -22.21 -10.83 19.00
C ASP A 375 -22.91 -9.52 19.18
N GLN A 376 -24.24 -9.45 19.31
CA GLN A 376 -24.89 -8.17 19.52
C GLN A 376 -24.70 -7.72 20.96
N LEU A 377 -24.70 -8.63 21.94
CA LEU A 377 -24.30 -8.30 23.31
C LEU A 377 -22.86 -7.77 23.35
N ALA A 378 -22.02 -8.26 22.40
CA ALA A 378 -20.64 -7.78 22.35
C ALA A 378 -20.61 -6.39 21.75
N MET A 379 -21.41 -6.15 20.70
CA MET A 379 -21.47 -4.82 20.13
C MET A 379 -22.04 -3.91 21.23
N ASP A 380 -23.06 -4.33 21.99
CA ASP A 380 -23.63 -3.44 23.01
C ASP A 380 -22.64 -2.97 24.05
N HIS A 381 -21.74 -3.86 24.48
CA HIS A 381 -20.71 -3.52 25.46
C HIS A 381 -19.71 -2.53 24.88
N LEU A 382 -19.15 -2.85 23.71
CA LEU A 382 -18.24 -1.93 23.06
C LEU A 382 -18.76 -0.49 22.91
N LEU A 383 -19.99 -0.25 22.48
CA LEU A 383 -20.57 1.10 22.31
C LEU A 383 -21.07 1.69 23.61
N GLY A 384 -20.88 1.06 24.77
CA GLY A 384 -21.41 1.51 26.07
C GLY A 384 -22.93 1.69 26.11
N ALA A 385 -23.64 0.82 25.39
CA ALA A 385 -25.08 0.78 25.32
C ALA A 385 -25.40 -0.07 26.53
N ARG A 386 -24.75 -1.23 26.70
CA ARG A 386 -24.81 -1.97 27.97
C ARG A 386 -23.78 -1.30 28.87
N TYR B 2 10.45 -5.49 -32.29
CA TYR B 2 9.74 -4.80 -31.21
C TYR B 2 10.58 -3.57 -30.83
N GLN B 3 11.11 -2.89 -31.85
CA GLN B 3 11.99 -1.77 -31.71
C GLN B 3 11.05 -0.57 -31.67
N PRO B 4 11.01 0.17 -30.55
CA PRO B 4 10.32 1.46 -30.49
C PRO B 4 10.82 2.56 -31.45
N THR B 5 9.90 3.19 -32.19
CA THR B 5 10.26 4.36 -32.98
C THR B 5 9.44 5.53 -32.47
N PRO B 6 9.81 6.79 -32.68
CA PRO B 6 8.96 7.94 -32.29
C PRO B 6 7.54 7.89 -32.86
N GLU B 7 7.28 7.12 -33.95
CA GLU B 7 5.90 7.01 -34.47
C GLU B 7 5.01 6.29 -33.49
N ASP B 8 5.57 5.46 -32.55
CA ASP B 8 4.76 4.76 -31.52
C ASP B 8 4.14 5.54 -30.32
N ARG B 9 4.47 6.85 -30.25
CA ARG B 9 3.98 7.80 -29.26
C ARG B 9 4.27 7.47 -27.78
N PHE B 10 5.34 6.69 -27.52
CA PHE B 10 5.71 6.34 -26.15
C PHE B 10 6.31 7.58 -25.49
N THR B 11 5.90 7.87 -24.26
CA THR B 11 6.38 9.05 -23.55
C THR B 11 6.58 8.63 -22.11
N PHE B 12 7.41 9.39 -21.41
CA PHE B 12 7.77 9.09 -20.04
C PHE B 12 7.75 10.40 -19.26
N GLY B 13 7.59 10.21 -17.92
CA GLY B 13 7.66 11.30 -17.01
C GLY B 13 9.10 11.61 -16.67
N LEU B 14 9.52 12.88 -16.45
CA LEU B 14 10.90 13.12 -15.95
C LEU B 14 11.18 12.42 -14.62
N TRP B 15 10.14 12.27 -13.82
CA TRP B 15 10.17 11.73 -12.49
C TRP B 15 10.14 10.20 -12.50
N THR B 16 10.05 9.57 -13.67
CA THR B 16 9.96 8.12 -13.70
C THR B 16 11.36 7.54 -13.70
N VAL B 17 12.04 7.62 -14.85
CA VAL B 17 13.47 7.30 -14.91
C VAL B 17 14.25 8.15 -13.89
N GLY B 18 13.78 9.38 -13.59
CA GLY B 18 14.42 10.26 -12.62
C GLY B 18 14.20 9.90 -11.16
N TRP B 19 13.34 8.95 -10.78
CA TRP B 19 13.07 8.62 -9.39
C TRP B 19 14.32 8.05 -8.76
N GLN B 20 14.73 8.68 -7.64
CA GLN B 20 15.96 8.35 -6.90
C GLN B 20 15.89 7.22 -5.95
N GLY B 21 14.72 6.63 -5.67
CA GLY B 21 14.76 5.42 -4.86
C GLY B 21 14.22 5.62 -3.46
N ARG B 22 13.82 6.81 -3.03
CA ARG B 22 13.25 6.98 -1.69
C ARG B 22 11.84 6.37 -1.52
N ASP B 23 11.64 5.66 -0.41
CA ASP B 23 10.35 5.09 -0.15
C ASP B 23 10.08 5.22 1.34
N PRO B 24 8.87 4.89 1.88
CA PRO B 24 8.55 5.01 3.34
C PRO B 24 9.59 4.43 4.33
N PHE B 25 10.46 3.46 3.92
CA PHE B 25 11.46 2.83 4.73
C PHE B 25 12.91 2.99 4.25
N GLY B 26 13.20 3.85 3.27
CA GLY B 26 14.57 3.98 2.79
C GLY B 26 14.84 5.28 2.07
N ASP B 27 16.14 5.50 2.01
CA ASP B 27 16.73 6.65 1.35
C ASP B 27 17.04 6.52 -0.13
N ALA B 28 17.61 7.52 -0.79
CA ALA B 28 17.86 7.46 -2.22
C ALA B 28 18.87 6.37 -2.56
N THR B 29 18.67 5.66 -3.67
CA THR B 29 19.66 4.65 -4.07
C THR B 29 20.41 5.06 -5.33
N ARG B 30 19.86 6.05 -6.03
CA ARG B 30 20.45 6.53 -7.25
C ARG B 30 20.58 8.02 -7.13
N PRO B 31 21.50 8.60 -7.91
CA PRO B 31 21.65 10.05 -8.04
C PRO B 31 20.47 10.73 -8.74
N ALA B 32 20.42 12.05 -8.56
CA ALA B 32 19.48 12.90 -9.30
C ALA B 32 19.92 12.96 -10.78
N LEU B 33 18.94 12.77 -11.66
CA LEU B 33 19.13 12.77 -13.10
C LEU B 33 18.85 14.17 -13.66
N ASP B 34 19.77 14.79 -14.43
CA ASP B 34 19.51 16.09 -15.09
C ASP B 34 18.53 15.93 -16.27
N PRO B 35 17.43 16.70 -16.40
CA PRO B 35 16.40 16.56 -17.44
C PRO B 35 16.94 16.58 -18.86
N VAL B 36 18.16 17.10 -19.03
CA VAL B 36 18.73 17.11 -20.36
C VAL B 36 19.23 15.70 -20.65
N GLU B 37 19.95 15.07 -19.72
CA GLU B 37 20.44 13.73 -19.96
C GLU B 37 19.24 12.80 -20.14
N THR B 38 18.14 13.02 -19.42
CA THR B 38 16.92 12.24 -19.58
C THR B 38 16.35 12.40 -20.97
N VAL B 39 16.32 13.61 -21.52
CA VAL B 39 15.72 13.81 -22.85
C VAL B 39 16.51 13.08 -23.92
N GLN B 40 17.83 13.23 -23.73
CA GLN B 40 18.77 12.70 -24.70
C GLN B 40 18.71 11.20 -24.68
N ARG B 41 18.88 10.58 -23.50
CA ARG B 41 18.76 9.15 -23.34
C ARG B 41 17.47 8.51 -23.81
N LEU B 42 16.36 9.20 -23.57
CA LEU B 42 15.08 8.69 -23.97
C LEU B 42 14.97 8.69 -25.45
N ALA B 43 15.48 9.74 -26.10
CA ALA B 43 15.36 9.82 -27.54
C ALA B 43 16.18 8.70 -28.18
N GLU B 44 17.33 8.34 -27.60
CA GLU B 44 18.16 7.24 -28.09
C GLU B 44 17.54 5.88 -27.85
N LEU B 45 16.67 5.76 -26.82
CA LEU B 45 15.86 4.57 -26.54
C LEU B 45 14.71 4.42 -27.53
N GLY B 46 14.39 5.47 -28.30
CA GLY B 46 13.31 5.40 -29.28
C GLY B 46 12.00 5.96 -28.75
N ALA B 47 12.01 6.73 -27.66
CA ALA B 47 10.76 7.29 -27.14
C ALA B 47 10.34 8.48 -28.00
N HIS B 48 9.06 8.81 -27.98
CA HIS B 48 8.49 9.97 -28.68
C HIS B 48 8.48 11.32 -27.92
N GLY B 49 8.34 11.25 -26.60
CA GLY B 49 8.27 12.48 -25.85
C GLY B 49 8.48 12.27 -24.36
N VAL B 50 8.36 13.40 -23.66
CA VAL B 50 8.56 13.48 -22.21
C VAL B 50 7.45 14.29 -21.56
N THR B 51 7.26 14.11 -20.24
CA THR B 51 6.28 14.93 -19.54
C THR B 51 6.89 15.50 -18.25
N PHE B 52 6.21 16.39 -17.52
CA PHE B 52 6.79 16.91 -16.31
C PHE B 52 5.85 17.61 -15.36
N HIS B 53 6.24 17.46 -14.09
CA HIS B 53 5.72 18.23 -12.98
C HIS B 53 6.66 19.44 -12.99
N ASP B 54 6.11 20.65 -12.81
CA ASP B 54 6.95 21.86 -12.61
C ASP B 54 8.18 21.63 -11.72
N ASP B 55 8.05 20.95 -10.57
CA ASP B 55 9.19 20.77 -9.69
C ASP B 55 10.26 19.73 -10.08
N ASP B 56 9.99 18.93 -11.11
CA ASP B 56 11.01 18.09 -11.74
C ASP B 56 11.90 18.99 -12.56
N LEU B 57 11.28 19.90 -13.32
CA LEU B 57 12.02 20.78 -14.20
C LEU B 57 12.76 21.92 -13.48
N ILE B 58 11.98 22.69 -12.70
CA ILE B 58 12.41 23.86 -11.96
C ILE B 58 12.19 23.52 -10.50
N PRO B 59 13.28 23.43 -9.76
CA PRO B 59 13.32 23.09 -8.34
C PRO B 59 12.59 24.16 -7.59
N PHE B 60 11.70 23.72 -6.71
CA PHE B 60 10.84 24.58 -5.93
C PHE B 60 11.46 25.93 -5.43
N GLY B 61 10.70 27.03 -5.66
CA GLY B 61 11.06 28.41 -5.27
C GLY B 61 12.21 29.07 -6.04
N SER B 62 12.44 28.41 -7.22
CA SER B 62 13.49 29.04 -8.02
C SER B 62 12.98 30.48 -8.46
N SER B 63 13.86 31.41 -8.52
CA SER B 63 13.53 32.75 -8.96
C SER B 63 13.25 32.71 -10.45
N ASP B 64 12.98 33.89 -11.12
CA ASP B 64 12.85 33.89 -12.58
C ASP B 64 14.14 33.69 -13.37
N THR B 65 15.30 34.09 -12.84
CA THR B 65 16.58 33.81 -13.50
C THR B 65 16.86 32.30 -13.60
N GLU B 66 16.81 31.81 -12.42
CA GLU B 66 17.21 30.41 -12.41
C GLU B 66 16.13 29.53 -13.06
N ARG B 67 14.85 29.91 -12.98
CA ARG B 67 13.73 29.36 -13.70
C ARG B 67 14.02 29.35 -15.21
N GLU B 68 14.45 30.48 -15.77
CA GLU B 68 14.76 30.59 -17.19
C GLU B 68 15.90 29.70 -17.61
N SER B 69 16.94 29.73 -16.80
CA SER B 69 18.11 28.91 -17.04
C SER B 69 17.82 27.41 -17.20
N HIS B 70 16.84 26.93 -16.38
CA HIS B 70 16.30 25.56 -16.43
C HIS B 70 15.47 25.18 -17.64
N ILE B 71 14.48 26.02 -17.92
CA ILE B 71 13.61 25.86 -19.08
C ILE B 71 14.45 25.90 -20.36
N LYS B 72 15.43 26.81 -20.44
CA LYS B 72 16.18 26.99 -21.64
C LYS B 72 17.06 25.81 -21.89
N ARG B 73 17.89 25.36 -20.95
CA ARG B 73 18.67 24.18 -21.20
C ARG B 73 17.75 22.98 -21.55
N PHE B 74 16.48 22.93 -21.05
CA PHE B 74 15.58 21.81 -21.33
C PHE B 74 15.08 21.90 -22.77
N ARG B 75 14.63 23.13 -23.14
CA ARG B 75 14.12 23.44 -24.47
C ARG B 75 15.25 23.21 -25.50
N GLN B 76 16.54 23.40 -25.19
CA GLN B 76 17.61 23.07 -26.14
C GLN B 76 17.67 21.55 -26.28
N ALA B 77 17.56 20.76 -25.19
CA ALA B 77 17.63 19.30 -25.34
C ALA B 77 16.46 18.81 -26.18
N LEU B 78 15.25 19.36 -26.02
CA LEU B 78 14.13 18.95 -26.86
C LEU B 78 14.38 19.31 -28.32
N ASP B 79 14.69 20.60 -28.67
CA ASP B 79 14.97 20.99 -30.06
C ASP B 79 15.93 20.01 -30.79
N ALA B 80 17.10 19.77 -30.18
CA ALA B 80 18.12 18.88 -30.71
C ALA B 80 17.83 17.38 -30.93
N THR B 81 16.94 16.85 -30.09
CA THR B 81 16.49 15.48 -30.13
C THR B 81 15.25 15.22 -31.02
N GLY B 82 14.44 16.28 -31.22
CA GLY B 82 13.15 16.08 -31.87
C GLY B 82 12.11 15.61 -30.84
N MET B 83 12.43 15.48 -29.53
CA MET B 83 11.50 15.01 -28.48
C MET B 83 10.42 16.06 -28.28
N THR B 84 9.22 15.57 -27.95
CA THR B 84 8.03 16.41 -27.85
C THR B 84 7.53 16.37 -26.41
N VAL B 85 6.78 17.38 -25.93
CA VAL B 85 6.23 17.36 -24.60
C VAL B 85 4.73 17.43 -24.78
N PRO B 86 4.03 16.29 -24.83
CA PRO B 86 2.59 16.16 -24.99
C PRO B 86 1.74 16.57 -23.79
N MET B 87 2.32 16.41 -22.60
CA MET B 87 1.58 16.65 -21.36
C MET B 87 2.55 17.18 -20.30
N ALA B 88 2.06 17.99 -19.36
CA ALA B 88 2.79 18.53 -18.21
C ALA B 88 1.76 18.59 -17.07
N THR B 89 2.23 18.88 -15.85
CA THR B 89 1.40 18.86 -14.66
C THR B 89 2.11 19.62 -13.53
N THR B 90 1.43 19.72 -12.38
CA THR B 90 1.87 20.47 -11.20
C THR B 90 2.17 19.53 -10.06
N ASN B 91 3.27 19.77 -9.36
CA ASN B 91 3.46 19.06 -8.14
C ASN B 91 2.72 19.78 -6.98
N LEU B 92 1.49 19.33 -6.71
CA LEU B 92 0.70 19.88 -5.61
C LEU B 92 0.65 18.83 -4.49
N PHE B 93 1.75 18.10 -4.28
CA PHE B 93 1.72 17.07 -3.28
C PHE B 93 2.96 17.02 -2.44
N THR B 94 4.14 17.41 -2.94
CA THR B 94 5.39 17.12 -2.26
C THR B 94 5.73 18.04 -1.12
N HIS B 95 5.56 19.34 -1.31
CA HIS B 95 6.02 20.33 -0.35
C HIS B 95 5.20 20.17 0.93
N PRO B 96 5.77 20.37 2.12
CA PRO B 96 5.04 20.21 3.37
C PRO B 96 3.78 21.02 3.46
N VAL B 97 3.70 22.14 2.70
CA VAL B 97 2.51 22.98 2.70
C VAL B 97 1.34 22.28 2.09
N PHE B 98 1.43 21.27 1.20
CA PHE B 98 0.21 20.67 0.66
C PHE B 98 -0.16 19.39 1.43
N LYS B 99 0.16 19.33 2.72
CA LYS B 99 -0.13 18.14 3.55
C LYS B 99 -1.61 17.85 3.69
N ASP B 100 -2.50 18.87 3.66
CA ASP B 100 -3.93 18.57 3.60
C ASP B 100 -4.64 18.86 2.27
N GLY B 101 -3.82 18.75 1.23
CA GLY B 101 -4.32 19.05 -0.09
C GLY B 101 -3.71 20.28 -0.65
N GLY B 102 -4.24 20.49 -1.85
CA GLY B 102 -3.92 21.57 -2.75
C GLY B 102 -5.25 22.25 -2.97
N PHE B 103 -6.06 21.75 -3.90
CA PHE B 103 -7.32 22.43 -4.22
C PHE B 103 -8.38 22.29 -3.17
N THR B 104 -8.37 21.21 -2.39
CA THR B 104 -9.35 21.03 -1.32
C THR B 104 -8.68 21.17 0.06
N ALA B 105 -7.53 21.87 0.23
CA ALA B 105 -6.93 22.13 1.55
C ALA B 105 -7.91 22.91 2.45
N ASN B 106 -8.05 22.50 3.74
CA ASN B 106 -8.96 23.21 4.65
C ASN B 106 -8.60 24.70 4.75
N ASP B 107 -7.29 25.05 4.77
CA ASP B 107 -6.83 26.44 4.77
C ASP B 107 -6.99 27.16 3.44
N ARG B 108 -7.81 28.22 3.51
CA ARG B 108 -8.17 28.98 2.31
C ARG B 108 -6.95 29.57 1.61
N ASP B 109 -5.95 30.01 2.36
CA ASP B 109 -4.75 30.56 1.78
C ASP B 109 -4.00 29.54 0.87
N VAL B 110 -3.79 28.31 1.40
CA VAL B 110 -3.09 27.22 0.73
C VAL B 110 -3.84 26.86 -0.55
N ARG B 111 -5.18 26.85 -0.49
CA ARG B 111 -5.97 26.60 -1.69
C ARG B 111 -5.79 27.61 -2.82
N ARG B 112 -5.90 28.93 -2.59
CA ARG B 112 -5.71 29.93 -3.69
C ARG B 112 -4.28 29.87 -4.27
N TYR B 113 -3.31 29.61 -3.37
CA TYR B 113 -1.92 29.42 -3.74
C TYR B 113 -1.82 28.25 -4.72
N ALA B 114 -2.33 27.07 -4.31
CA ALA B 114 -2.37 25.85 -5.12
C ALA B 114 -2.58 26.14 -6.61
N LEU B 115 -3.64 26.92 -6.78
CA LEU B 115 -4.10 27.43 -8.05
C LEU B 115 -3.09 28.40 -8.71
N ARG B 116 -2.52 29.38 -8.01
CA ARG B 116 -1.49 30.22 -8.60
C ARG B 116 -0.30 29.38 -9.11
N LYS B 117 0.10 28.34 -8.37
CA LYS B 117 1.21 27.44 -8.72
C LYS B 117 0.84 26.68 -9.98
N THR B 118 -0.43 26.25 -10.09
CA THR B 118 -0.92 25.53 -11.26
C THR B 118 -0.97 26.43 -12.50
N ILE B 119 -1.65 27.61 -12.45
CA ILE B 119 -1.78 28.54 -13.57
C ILE B 119 -0.39 28.94 -14.07
N ARG B 120 0.54 29.29 -13.18
CA ARG B 120 1.93 29.51 -13.55
C ARG B 120 2.47 28.39 -14.45
N ASN B 121 2.22 27.10 -14.11
CA ASN B 121 2.81 26.03 -14.90
C ASN B 121 2.13 25.75 -16.23
N ILE B 122 0.82 26.05 -16.26
CA ILE B 122 -0.01 25.89 -17.45
C ILE B 122 0.57 26.74 -18.56
N ASP B 123 1.10 27.91 -18.19
CA ASP B 123 1.70 28.79 -19.18
C ASP B 123 3.01 28.16 -19.62
N LEU B 124 3.84 27.51 -18.78
CA LEU B 124 5.01 26.88 -19.35
C LEU B 124 4.69 25.68 -20.29
N ALA B 125 3.67 24.88 -19.92
CA ALA B 125 3.23 23.69 -20.64
C ALA B 125 2.79 24.02 -22.05
N VAL B 126 1.87 25.00 -22.16
CA VAL B 126 1.34 25.38 -23.48
C VAL B 126 2.44 25.94 -24.41
N GLU B 127 3.40 26.70 -23.86
CA GLU B 127 4.56 27.22 -24.58
C GLU B 127 5.40 26.09 -25.19
N LEU B 128 5.65 25.05 -24.37
CA LEU B 128 6.33 23.83 -24.79
C LEU B 128 5.54 22.84 -25.64
N GLY B 129 4.27 23.09 -25.97
CA GLY B 129 3.52 22.19 -26.86
C GLY B 129 2.61 21.12 -26.27
N ALA B 130 2.41 21.12 -24.94
CA ALA B 130 1.53 20.16 -24.28
C ALA B 130 0.07 20.33 -24.67
N LYS B 131 -0.68 19.31 -25.01
CA LYS B 131 -2.11 19.47 -25.31
C LYS B 131 -3.07 19.01 -24.22
N THR B 132 -2.50 18.29 -23.23
CA THR B 132 -3.17 17.79 -22.05
C THR B 132 -2.45 18.29 -20.82
N TYR B 133 -3.22 18.72 -19.82
CA TYR B 133 -2.62 19.17 -18.58
C TYR B 133 -3.20 18.21 -17.56
N VAL B 134 -2.38 17.37 -16.94
CA VAL B 134 -2.98 16.41 -15.99
C VAL B 134 -3.11 17.03 -14.60
N ALA B 135 -4.14 16.62 -13.83
CA ALA B 135 -4.18 16.99 -12.43
C ALA B 135 -4.34 15.74 -11.53
N TRP B 136 -3.30 15.33 -10.80
CA TRP B 136 -3.44 14.22 -9.87
C TRP B 136 -3.57 14.84 -8.47
N GLY B 137 -4.80 14.90 -7.91
CA GLY B 137 -5.01 15.45 -6.58
C GLY B 137 -4.67 14.42 -5.50
N GLY B 138 -3.39 14.04 -5.39
CA GLY B 138 -2.90 13.03 -4.45
C GLY B 138 -2.98 13.36 -2.97
N ARG B 139 -3.24 14.64 -2.63
CA ARG B 139 -3.41 15.12 -1.26
C ARG B 139 -4.83 15.47 -0.85
N GLU B 140 -5.77 15.21 -1.75
CA GLU B 140 -7.17 15.58 -1.58
C GLU B 140 -7.84 14.38 -1.02
N GLY B 141 -8.02 14.38 0.30
CA GLY B 141 -8.68 13.29 0.98
C GLY B 141 -8.50 13.46 2.48
N ALA B 142 -8.29 12.34 3.18
CA ALA B 142 -8.16 12.34 4.64
C ALA B 142 -7.75 10.95 5.18
N GLU B 143 -7.24 10.91 6.42
CA GLU B 143 -7.05 9.64 7.11
C GLU B 143 -8.20 9.47 8.13
N SER B 144 -9.14 10.41 8.35
CA SER B 144 -10.19 10.24 9.36
C SER B 144 -11.43 11.04 8.97
N GLY B 145 -12.52 10.49 9.50
CA GLY B 145 -13.85 10.84 9.12
C GLY B 145 -14.26 12.29 9.25
N ALA B 146 -13.83 13.05 10.28
CA ALA B 146 -14.27 14.43 10.48
C ALA B 146 -13.28 15.46 9.99
N ALA B 147 -12.19 15.01 9.38
CA ALA B 147 -11.12 15.91 8.98
C ALA B 147 -11.41 16.68 7.69
N LYS B 148 -12.35 16.08 6.95
CA LYS B 148 -12.77 16.60 5.65
C LYS B 148 -14.25 16.34 5.54
N ASP B 149 -15.00 17.38 5.20
CA ASP B 149 -16.41 17.21 4.88
C ASP B 149 -16.36 17.02 3.37
N VAL B 150 -16.81 15.87 2.86
CA VAL B 150 -16.61 15.60 1.44
C VAL B 150 -17.52 16.38 0.47
N ARG B 151 -18.79 16.63 0.82
CA ARG B 151 -19.67 17.41 -0.05
C ARG B 151 -19.05 18.81 -0.18
N VAL B 152 -18.47 19.42 0.87
CA VAL B 152 -17.97 20.77 0.66
C VAL B 152 -16.65 20.76 -0.07
N ALA B 153 -15.75 19.80 0.27
CA ALA B 153 -14.44 19.66 -0.38
C ALA B 153 -14.64 19.44 -1.88
N LEU B 154 -15.72 18.77 -2.28
CA LEU B 154 -16.00 18.59 -3.69
C LEU B 154 -16.50 19.90 -4.25
N ASP B 155 -17.30 20.71 -3.52
CA ASP B 155 -17.78 22.01 -4.06
C ASP B 155 -16.56 22.83 -4.36
N ARG B 156 -15.56 22.71 -3.46
CA ARG B 156 -14.29 23.39 -3.65
C ARG B 156 -13.49 22.92 -4.88
N MET B 157 -13.36 21.60 -5.04
CA MET B 157 -12.71 20.95 -6.16
C MET B 157 -13.41 21.36 -7.46
N LYS B 158 -14.75 21.40 -7.53
CA LYS B 158 -15.52 21.85 -8.68
C LYS B 158 -15.26 23.33 -8.98
N GLU B 159 -15.13 24.11 -7.89
CA GLU B 159 -14.83 25.52 -8.06
C GLU B 159 -13.40 25.69 -8.57
N ALA B 160 -12.43 24.91 -8.12
CA ALA B 160 -11.04 25.03 -8.52
C ALA B 160 -10.88 24.63 -9.99
N PHE B 161 -11.71 23.74 -10.49
CA PHE B 161 -11.63 23.32 -11.87
C PHE B 161 -12.40 24.24 -12.76
N ASP B 162 -13.54 24.75 -12.27
CA ASP B 162 -14.25 25.76 -13.06
C ASP B 162 -13.44 27.06 -13.22
N LEU B 163 -12.60 27.34 -12.21
CA LEU B 163 -11.70 28.46 -12.22
C LEU B 163 -10.67 28.20 -13.29
N LEU B 164 -10.00 27.03 -13.32
CA LEU B 164 -9.09 26.75 -14.41
C LEU B 164 -9.78 26.75 -15.76
N GLY B 165 -10.99 26.21 -15.91
CA GLY B 165 -11.72 26.20 -17.19
C GLY B 165 -12.05 27.60 -17.71
N GLU B 166 -12.28 28.54 -16.80
CA GLU B 166 -12.53 29.91 -17.17
C GLU B 166 -11.24 30.56 -17.68
N TYR B 167 -10.11 30.36 -16.98
CA TYR B 167 -8.85 30.99 -17.40
C TYR B 167 -8.39 30.48 -18.79
N VAL B 168 -8.57 29.18 -19.16
CA VAL B 168 -8.10 28.71 -20.48
C VAL B 168 -8.98 29.30 -21.57
N THR B 169 -10.28 29.34 -21.27
CA THR B 169 -11.28 29.95 -22.11
C THR B 169 -11.00 31.44 -22.39
N SER B 170 -10.55 32.19 -21.38
CA SER B 170 -10.28 33.61 -21.54
C SER B 170 -8.99 33.81 -22.30
N GLN B 171 -7.91 33.01 -22.06
CA GLN B 171 -6.62 33.10 -22.78
C GLN B 171 -6.57 32.50 -24.18
N GLY B 172 -7.69 31.86 -24.54
CA GLY B 172 -7.85 31.11 -25.77
C GLY B 172 -6.89 29.93 -25.94
N TYR B 173 -6.43 29.21 -24.91
CA TYR B 173 -5.51 28.07 -25.09
C TYR B 173 -6.25 26.85 -25.65
N ASP B 174 -5.55 25.92 -26.33
CA ASP B 174 -6.20 24.70 -26.82
C ASP B 174 -5.96 23.54 -25.85
N THR B 175 -5.61 23.83 -24.61
CA THR B 175 -5.24 22.79 -23.67
C THR B 175 -6.50 22.19 -23.02
N ARG B 176 -6.50 20.85 -22.84
CA ARG B 176 -7.56 20.15 -22.15
C ARG B 176 -6.99 19.51 -20.86
N PHE B 177 -7.84 19.30 -19.82
CA PHE B 177 -7.42 18.81 -18.52
C PHE B 177 -7.78 17.37 -18.37
N ALA B 178 -6.89 16.54 -17.84
CA ALA B 178 -7.25 15.15 -17.64
C ALA B 178 -7.15 14.91 -16.13
N ILE B 179 -8.22 14.49 -15.47
CA ILE B 179 -8.19 14.20 -14.04
C ILE B 179 -7.89 12.73 -13.77
N GLU B 180 -6.82 12.61 -13.00
CA GLU B 180 -6.27 11.34 -12.58
C GLU B 180 -6.70 10.76 -11.19
N PRO B 181 -7.66 9.80 -11.21
CA PRO B 181 -8.17 9.18 -9.98
C PRO B 181 -7.22 8.14 -9.42
N LYS B 182 -7.32 8.06 -8.10
CA LYS B 182 -6.50 7.14 -7.32
C LYS B 182 -7.19 6.83 -5.98
N PRO B 183 -7.31 5.55 -5.56
CA PRO B 183 -8.12 5.16 -4.39
C PRO B 183 -7.50 5.66 -3.07
N ASN B 184 -6.17 5.67 -2.99
CA ASN B 184 -5.44 6.01 -1.75
C ASN B 184 -3.96 6.10 -2.09
N GLU B 185 -3.18 6.61 -1.09
CA GLU B 185 -1.73 6.70 -1.08
C GLU B 185 -1.22 7.88 -1.89
N PRO B 186 -0.84 8.99 -1.25
CA PRO B 186 -0.41 9.07 0.15
C PRO B 186 -1.47 9.33 1.20
N ARG B 187 -2.66 9.86 0.84
CA ARG B 187 -3.77 10.07 1.79
C ARG B 187 -4.48 8.76 2.10
N GLY B 188 -5.20 8.61 3.21
CA GLY B 188 -5.83 7.32 3.52
C GLY B 188 -6.95 6.99 2.53
N ASP B 189 -7.69 8.02 2.13
CA ASP B 189 -8.68 7.89 1.09
C ASP B 189 -8.58 9.14 0.28
N ILE B 190 -8.41 8.98 -1.03
CA ILE B 190 -8.27 10.14 -1.88
C ILE B 190 -9.63 10.41 -2.51
N LEU B 191 -10.04 11.66 -2.73
CA LEU B 191 -11.32 11.98 -3.33
C LEU B 191 -11.18 11.66 -4.81
N LEU B 192 -12.29 11.29 -5.43
CA LEU B 192 -12.34 10.76 -6.83
C LEU B 192 -11.39 9.57 -6.94
N PRO B 193 -11.77 8.45 -6.24
CA PRO B 193 -10.89 7.29 -6.05
C PRO B 193 -10.75 6.40 -7.28
N THR B 194 -11.69 6.53 -8.27
CA THR B 194 -11.65 5.68 -9.46
C THR B 194 -12.11 6.47 -10.68
N VAL B 195 -11.75 5.94 -11.88
CA VAL B 195 -12.23 6.50 -13.16
C VAL B 195 -13.73 6.81 -13.11
N GLY B 196 -14.55 6.01 -12.39
CA GLY B 196 -15.99 6.21 -12.40
C GLY B 196 -16.40 7.56 -11.78
N HIS B 197 -15.78 7.78 -10.61
CA HIS B 197 -16.03 8.91 -9.74
C HIS B 197 -15.61 10.17 -10.50
N ALA B 198 -14.45 10.11 -11.18
CA ALA B 198 -13.89 11.23 -11.92
C ALA B 198 -14.83 11.54 -13.10
N LEU B 199 -15.31 10.52 -13.85
CA LEU B 199 -16.26 10.74 -14.96
C LEU B 199 -17.53 11.48 -14.51
N ALA B 200 -18.18 10.96 -13.44
CA ALA B 200 -19.35 11.61 -12.84
C ALA B 200 -19.11 13.02 -12.32
N PHE B 201 -17.93 13.27 -11.71
CA PHE B 201 -17.56 14.61 -11.21
C PHE B 201 -17.39 15.61 -12.36
N ILE B 202 -16.79 15.21 -13.48
CA ILE B 202 -16.60 16.08 -14.62
C ILE B 202 -17.95 16.55 -15.15
N GLU B 203 -19.00 15.72 -15.07
CA GLU B 203 -20.33 16.14 -15.55
C GLU B 203 -20.94 17.26 -14.71
N ARG B 204 -20.40 17.53 -13.52
CA ARG B 204 -20.88 18.65 -12.71
C ARG B 204 -19.95 19.85 -12.84
N LEU B 205 -18.90 19.89 -13.68
CA LEU B 205 -18.10 21.11 -13.84
C LEU B 205 -18.82 22.06 -14.81
N GLU B 206 -18.68 23.37 -14.71
CA GLU B 206 -19.29 24.37 -15.63
C GLU B 206 -19.18 24.08 -17.13
N ARG B 207 -17.99 23.65 -17.62
CA ARG B 207 -17.73 23.38 -19.05
C ARG B 207 -17.24 21.92 -19.20
N PRO B 208 -18.07 20.86 -19.10
CA PRO B 208 -17.56 19.48 -19.03
C PRO B 208 -16.64 19.05 -20.17
N GLU B 209 -16.86 19.70 -21.32
CA GLU B 209 -16.13 19.38 -22.53
C GLU B 209 -14.64 19.62 -22.43
N LEU B 210 -14.17 20.46 -21.51
CA LEU B 210 -12.75 20.68 -21.37
C LEU B 210 -12.04 19.57 -20.60
N TYR B 211 -12.79 18.60 -20.06
CA TYR B 211 -12.25 17.70 -19.07
C TYR B 211 -12.33 16.22 -19.32
N GLY B 212 -11.24 15.47 -19.20
CA GLY B 212 -11.39 14.02 -19.32
C GLY B 212 -10.68 13.35 -18.15
N VAL B 213 -10.34 12.06 -18.28
CA VAL B 213 -9.51 11.40 -17.28
C VAL B 213 -8.14 11.06 -17.88
N ASN B 214 -7.25 10.78 -16.91
CA ASN B 214 -5.94 10.21 -17.12
C ASN B 214 -5.86 8.97 -16.15
N PRO B 215 -6.50 7.86 -16.48
CA PRO B 215 -6.39 6.59 -15.77
C PRO B 215 -4.97 6.10 -15.63
N GLU B 216 -4.72 5.36 -14.55
CA GLU B 216 -3.45 4.70 -14.34
C GLU B 216 -3.67 3.27 -13.90
N VAL B 217 -2.96 2.35 -14.60
CA VAL B 217 -3.15 0.91 -14.47
C VAL B 217 -3.18 0.45 -13.04
N GLY B 218 -2.09 0.72 -12.31
CA GLY B 218 -1.93 0.28 -10.94
C GLY B 218 -2.96 0.91 -10.02
N HIS B 219 -3.40 2.16 -10.28
CA HIS B 219 -4.42 2.83 -9.48
C HIS B 219 -5.70 2.08 -9.34
N GLU B 220 -6.31 1.71 -10.47
CA GLU B 220 -7.59 1.02 -10.44
C GLU B 220 -7.34 -0.35 -9.90
N GLN B 221 -6.13 -0.95 -10.08
CA GLN B 221 -5.91 -2.29 -9.51
C GLN B 221 -5.62 -2.28 -7.99
N MET B 222 -5.26 -1.13 -7.39
CA MET B 222 -5.22 -0.93 -5.91
C MET B 222 -6.67 -0.91 -5.37
N ALA B 223 -7.70 -0.81 -6.23
CA ALA B 223 -9.08 -0.91 -5.79
C ALA B 223 -9.62 -2.29 -6.19
N GLY B 224 -8.73 -3.23 -6.61
CA GLY B 224 -9.06 -4.60 -7.09
C GLY B 224 -9.92 -4.57 -8.35
N LEU B 225 -9.93 -3.45 -9.09
CA LEU B 225 -10.81 -3.30 -10.22
C LEU B 225 -10.16 -3.72 -11.54
N ASN B 226 -10.96 -4.14 -12.51
CA ASN B 226 -10.51 -4.48 -13.87
C ASN B 226 -10.25 -3.20 -14.70
N PHE B 227 -8.97 -2.87 -14.93
CA PHE B 227 -8.58 -1.65 -15.63
C PHE B 227 -9.10 -1.55 -17.06
N PRO B 228 -8.95 -2.55 -17.99
CA PRO B 228 -9.61 -2.56 -19.29
C PRO B 228 -11.09 -2.29 -19.25
N HIS B 229 -11.83 -2.81 -18.24
CA HIS B 229 -13.28 -2.52 -18.13
C HIS B 229 -13.49 -1.02 -17.91
N GLY B 230 -12.76 -0.41 -16.99
CA GLY B 230 -12.86 1.02 -16.69
C GLY B 230 -12.52 1.90 -17.89
N ILE B 231 -11.42 1.56 -18.57
CA ILE B 231 -10.98 2.26 -19.79
C ILE B 231 -12.06 2.18 -20.86
N ALA B 232 -12.69 1.02 -21.07
CA ALA B 232 -13.84 0.91 -21.98
C ALA B 232 -14.91 1.93 -21.57
N GLN B 233 -15.23 2.12 -20.28
CA GLN B 233 -16.21 3.13 -19.93
C GLN B 233 -15.64 4.55 -20.20
N ALA B 234 -14.33 4.82 -20.02
CA ALA B 234 -13.79 6.14 -20.35
C ALA B 234 -13.93 6.37 -21.86
N LEU B 235 -13.67 5.35 -22.67
CA LEU B 235 -13.84 5.40 -24.12
C LEU B 235 -15.27 5.65 -24.55
N TRP B 236 -16.23 4.92 -23.96
CA TRP B 236 -17.65 5.03 -24.27
C TRP B 236 -18.17 6.44 -24.03
N ALA B 237 -17.71 7.05 -22.93
CA ALA B 237 -18.06 8.42 -22.62
C ALA B 237 -17.36 9.39 -23.57
N GLY B 238 -16.28 8.98 -24.23
CA GLY B 238 -15.46 9.86 -25.06
C GLY B 238 -14.56 10.67 -24.14
N LYS B 239 -14.03 10.09 -23.07
CA LYS B 239 -13.22 10.83 -22.11
C LYS B 239 -11.83 10.26 -21.79
N LEU B 240 -11.31 9.38 -22.67
CA LEU B 240 -9.93 8.94 -22.47
C LEU B 240 -8.94 9.89 -23.13
N PHE B 241 -8.59 10.96 -22.40
CA PHE B 241 -7.69 11.98 -22.93
C PHE B 241 -6.23 11.57 -22.85
N HIS B 242 -5.92 10.79 -21.83
CA HIS B 242 -4.55 10.41 -21.61
C HIS B 242 -4.63 9.09 -20.88
N ILE B 243 -3.52 8.37 -20.77
CA ILE B 243 -3.55 7.09 -20.04
C ILE B 243 -2.14 6.96 -19.51
N ASP B 244 -2.07 6.52 -18.25
CA ASP B 244 -0.82 6.32 -17.57
C ASP B 244 -0.60 4.83 -17.43
N LEU B 245 0.55 4.32 -17.94
CA LEU B 245 0.85 2.88 -17.95
C LEU B 245 1.97 2.35 -17.07
N ASN B 246 1.63 1.33 -16.33
CA ASN B 246 2.64 0.75 -15.45
C ASN B 246 2.14 -0.62 -15.01
N GLY B 247 2.78 -1.16 -13.98
CA GLY B 247 2.44 -2.45 -13.41
C GLY B 247 2.20 -2.36 -11.90
N GLN B 248 1.31 -3.27 -11.48
CA GLN B 248 0.84 -3.37 -10.11
C GLN B 248 0.63 -4.83 -9.88
N SER B 249 1.17 -5.43 -8.80
CA SER B 249 0.95 -6.86 -8.55
C SER B 249 -0.14 -7.20 -7.51
N GLY B 250 -1.15 -6.37 -7.27
CA GLY B 250 -2.14 -6.74 -6.29
C GLY B 250 -2.68 -5.50 -5.61
N ILE B 251 -3.59 -5.77 -4.64
CA ILE B 251 -4.11 -4.68 -3.83
C ILE B 251 -3.08 -4.56 -2.71
N LYS B 252 -2.29 -3.50 -2.79
CA LYS B 252 -1.22 -3.18 -1.86
C LYS B 252 -0.76 -1.77 -2.20
N TYR B 253 0.36 -1.32 -1.57
CA TYR B 253 0.90 0.01 -1.89
C TYR B 253 1.21 0.01 -3.41
N ASP B 254 0.96 1.17 -4.05
CA ASP B 254 1.22 1.33 -5.49
C ASP B 254 2.70 1.20 -5.84
N GLN B 255 2.95 0.20 -6.69
CA GLN B 255 4.31 -0.22 -6.98
C GLN B 255 5.04 0.48 -8.10
N ASP B 256 4.25 0.81 -9.13
CA ASP B 256 4.69 1.49 -10.34
C ASP B 256 5.77 0.77 -11.12
N LEU B 257 5.59 -0.54 -11.14
CA LEU B 257 6.38 -1.45 -11.95
C LEU B 257 6.33 -1.06 -13.42
N ARG B 258 7.37 -1.46 -14.15
CA ARG B 258 7.37 -1.25 -15.59
C ARG B 258 6.16 -1.94 -16.23
N PHE B 259 5.65 -1.35 -17.31
CA PHE B 259 4.43 -1.86 -17.92
C PHE B 259 4.57 -3.30 -18.48
N GLY B 260 3.49 -4.09 -18.29
CA GLY B 260 3.45 -5.47 -18.68
C GLY B 260 3.79 -6.35 -17.46
N ALA B 261 4.63 -5.81 -16.52
CA ALA B 261 4.81 -6.40 -15.21
C ALA B 261 3.50 -6.21 -14.43
N GLY B 262 3.35 -6.98 -13.34
CA GLY B 262 2.10 -7.04 -12.58
C GLY B 262 1.08 -7.93 -13.30
N ASP B 263 -0.11 -7.40 -13.58
CA ASP B 263 -1.08 -8.22 -14.22
C ASP B 263 -0.90 -8.21 -15.74
N LEU B 264 -0.37 -9.36 -16.17
CA LEU B 264 -0.07 -9.57 -17.61
C LEU B 264 -1.31 -9.82 -18.48
N ARG B 265 -2.27 -10.64 -18.05
CA ARG B 265 -3.47 -10.81 -18.87
C ARG B 265 -4.24 -9.47 -18.94
N ALA B 266 -4.27 -8.63 -17.87
CA ALA B 266 -4.94 -7.33 -17.97
C ALA B 266 -4.19 -6.38 -18.91
N ALA B 267 -2.85 -6.46 -18.93
CA ALA B 267 -2.01 -5.68 -19.87
C ALA B 267 -2.38 -6.02 -21.34
N PHE B 268 -2.58 -7.31 -21.71
CA PHE B 268 -2.98 -7.75 -23.05
C PHE B 268 -4.37 -7.21 -23.43
N TRP B 269 -5.37 -7.23 -22.53
CA TRP B 269 -6.69 -6.72 -22.91
C TRP B 269 -6.69 -5.20 -22.99
N LEU B 270 -5.93 -4.46 -22.20
CA LEU B 270 -5.83 -3.03 -22.37
C LEU B 270 -5.15 -2.72 -23.72
N VAL B 271 -4.12 -3.44 -24.19
CA VAL B 271 -3.49 -3.09 -25.46
C VAL B 271 -4.48 -3.33 -26.57
N ASP B 272 -5.13 -4.49 -26.47
CA ASP B 272 -6.12 -4.94 -27.43
C ASP B 272 -7.20 -3.90 -27.59
N LEU B 273 -7.72 -3.37 -26.48
CA LEU B 273 -8.77 -2.38 -26.51
C LEU B 273 -8.25 -1.03 -27.03
N LEU B 274 -7.04 -0.61 -26.61
CA LEU B 274 -6.56 0.68 -27.05
C LEU B 274 -6.45 0.71 -28.56
N GLU B 275 -5.84 -0.35 -29.03
CA GLU B 275 -5.68 -0.56 -30.45
C GLU B 275 -6.97 -0.82 -31.22
N SER B 276 -7.92 -1.59 -30.72
CA SER B 276 -9.12 -1.87 -31.48
C SER B 276 -10.01 -0.64 -31.52
N ALA B 277 -10.01 0.22 -30.49
CA ALA B 277 -10.79 1.47 -30.44
C ALA B 277 -10.07 2.70 -31.00
N GLY B 278 -8.83 2.59 -31.50
CA GLY B 278 -8.08 3.70 -32.07
C GLY B 278 -7.80 4.89 -31.16
N TYR B 279 -7.14 4.60 -30.02
CA TYR B 279 -6.69 5.65 -29.12
C TYR B 279 -5.51 6.33 -29.80
N GLU B 280 -5.59 7.65 -29.80
CA GLU B 280 -4.60 8.50 -30.49
C GLU B 280 -3.49 9.11 -29.65
N GLY B 281 -3.80 9.16 -28.37
CA GLY B 281 -2.93 9.82 -27.43
C GLY B 281 -1.63 9.11 -27.21
N PRO B 282 -0.78 9.78 -26.46
CA PRO B 282 0.48 9.21 -26.04
C PRO B 282 0.24 8.00 -25.15
N ARG B 283 1.16 7.07 -25.38
CA ARG B 283 1.30 5.87 -24.57
C ARG B 283 2.35 6.20 -23.52
N HIS B 284 1.90 6.80 -22.40
CA HIS B 284 2.79 7.37 -21.39
C HIS B 284 3.09 6.39 -20.26
N PHE B 285 4.35 6.24 -19.84
CA PHE B 285 4.75 5.36 -18.77
C PHE B 285 5.08 6.14 -17.50
N ASP B 286 4.08 6.14 -16.62
CA ASP B 286 4.34 6.70 -15.30
C ASP B 286 4.65 5.53 -14.35
N PHE B 287 5.95 5.23 -14.28
CA PHE B 287 6.40 4.01 -13.61
C PHE B 287 7.67 4.37 -12.85
N LYS B 288 8.22 3.44 -12.06
CA LYS B 288 9.33 3.71 -11.18
C LYS B 288 10.28 2.54 -11.28
N PRO B 289 11.44 2.71 -11.90
CA PRO B 289 12.53 1.74 -11.87
C PRO B 289 12.85 1.30 -10.44
N PRO B 290 12.61 0.05 -10.02
CA PRO B 290 12.84 -0.45 -8.66
C PRO B 290 14.19 -0.01 -8.13
N ARG B 291 14.23 0.58 -6.92
CA ARG B 291 15.45 1.14 -6.31
C ARG B 291 16.61 0.16 -6.17
N THR B 292 16.41 -1.15 -6.46
CA THR B 292 17.52 -2.12 -6.52
C THR B 292 18.46 -1.89 -7.70
N GLU B 293 18.06 -0.99 -8.61
CA GLU B 293 18.77 -0.81 -9.86
C GLU B 293 19.72 0.35 -9.84
N ASP B 294 20.78 0.21 -10.62
CA ASP B 294 21.52 1.42 -10.90
C ASP B 294 20.93 2.02 -12.19
N ILE B 295 21.56 3.10 -12.66
CA ILE B 295 21.18 3.83 -13.86
C ILE B 295 21.07 2.92 -15.11
N ASP B 296 21.86 1.84 -15.20
CA ASP B 296 21.71 0.97 -16.36
C ASP B 296 20.39 0.18 -16.35
N GLY B 297 19.99 -0.11 -15.11
CA GLY B 297 18.76 -0.82 -14.87
C GLY B 297 17.62 0.12 -15.22
N VAL B 298 17.70 1.43 -14.91
CA VAL B 298 16.69 2.43 -15.23
C VAL B 298 16.36 2.46 -16.71
N TRP B 299 17.33 2.69 -17.61
CA TRP B 299 17.04 2.80 -19.06
C TRP B 299 16.61 1.43 -19.57
N ALA B 300 17.12 0.35 -18.94
CA ALA B 300 16.67 -0.98 -19.24
C ALA B 300 15.21 -1.24 -18.93
N SER B 301 14.77 -0.90 -17.70
CA SER B 301 13.40 -1.03 -17.22
C SER B 301 12.46 -0.25 -18.15
N ALA B 302 12.90 0.96 -18.47
CA ALA B 302 12.26 1.87 -19.39
C ALA B 302 12.12 1.28 -20.81
N ALA B 303 13.20 0.70 -21.40
CA ALA B 303 13.08 0.06 -22.72
C ALA B 303 12.09 -1.09 -22.67
N GLY B 304 12.14 -1.89 -21.55
CA GLY B 304 11.19 -2.96 -21.32
C GLY B 304 9.74 -2.45 -21.31
N CYS B 305 9.45 -1.23 -20.82
CA CYS B 305 8.07 -0.70 -20.88
C CYS B 305 7.50 -0.67 -22.32
N MET B 306 8.36 -0.21 -23.25
CA MET B 306 7.94 -0.08 -24.63
C MET B 306 7.97 -1.45 -25.29
N ARG B 307 8.95 -2.32 -24.99
CA ARG B 307 9.00 -3.64 -25.61
C ARG B 307 7.70 -4.38 -25.38
N ASN B 308 7.32 -4.54 -24.09
CA ASN B 308 6.11 -5.25 -23.75
C ASN B 308 4.86 -4.59 -24.36
N TYR B 309 4.83 -3.25 -24.54
CA TYR B 309 3.68 -2.67 -25.24
C TYR B 309 3.60 -3.24 -26.68
N LEU B 310 4.69 -3.07 -27.46
CA LEU B 310 4.75 -3.58 -28.84
C LEU B 310 4.58 -5.12 -28.89
N ILE B 311 5.08 -5.95 -27.95
CA ILE B 311 4.88 -7.41 -28.03
C ILE B 311 3.40 -7.75 -27.81
N LEU B 312 2.77 -7.11 -26.80
CA LEU B 312 1.38 -7.37 -26.53
C LEU B 312 0.45 -6.90 -27.66
N LYS B 313 0.90 -5.80 -28.29
CA LYS B 313 0.22 -5.24 -29.46
C LYS B 313 0.21 -6.25 -30.62
N GLU B 314 1.35 -6.93 -30.82
CA GLU B 314 1.39 -7.91 -31.86
C GLU B 314 0.43 -9.08 -31.62
N ARG B 315 0.47 -9.63 -30.39
CA ARG B 315 -0.38 -10.74 -29.96
C ARG B 315 -1.85 -10.38 -29.98
N ALA B 316 -2.24 -9.14 -29.63
CA ALA B 316 -3.63 -8.71 -29.72
C ALA B 316 -4.10 -8.62 -31.16
N ALA B 317 -3.29 -8.07 -32.08
CA ALA B 317 -3.66 -8.05 -33.51
C ALA B 317 -3.69 -9.46 -34.10
N ALA B 318 -2.78 -10.38 -33.75
CA ALA B 318 -2.83 -11.74 -34.26
C ALA B 318 -4.09 -12.50 -33.76
N PHE B 319 -4.47 -12.24 -32.50
CA PHE B 319 -5.74 -12.74 -31.93
C PHE B 319 -6.98 -12.23 -32.72
N ARG B 320 -7.16 -10.90 -32.89
CA ARG B 320 -8.34 -10.37 -33.58
C ARG B 320 -8.41 -10.78 -35.08
N ALA B 321 -7.20 -10.88 -35.66
CA ALA B 321 -7.05 -11.29 -37.06
C ALA B 321 -7.34 -12.75 -37.38
N ASP B 322 -7.13 -13.67 -36.41
CA ASP B 322 -7.27 -15.08 -36.62
C ASP B 322 -8.69 -15.46 -36.99
N PRO B 323 -8.97 -16.06 -38.16
CA PRO B 323 -10.28 -16.60 -38.56
C PRO B 323 -10.94 -17.47 -37.49
N GLU B 324 -10.19 -18.39 -36.90
CA GLU B 324 -10.69 -19.26 -35.85
C GLU B 324 -11.19 -18.46 -34.62
N VAL B 325 -10.58 -17.28 -34.32
CA VAL B 325 -11.05 -16.45 -33.22
C VAL B 325 -12.23 -15.62 -33.71
N GLN B 326 -12.26 -15.17 -34.97
CA GLN B 326 -13.43 -14.47 -35.50
C GLN B 326 -14.62 -15.43 -35.43
N GLU B 327 -14.37 -16.72 -35.67
CA GLU B 327 -15.39 -17.73 -35.61
C GLU B 327 -15.79 -17.94 -34.15
N ALA B 328 -14.77 -18.01 -33.26
CA ALA B 328 -15.02 -18.19 -31.84
C ALA B 328 -15.86 -17.05 -31.30
N LEU B 329 -15.73 -15.81 -31.77
CA LEU B 329 -16.59 -14.71 -31.30
C LEU B 329 -18.04 -14.88 -31.72
N ARG B 330 -18.32 -15.34 -32.93
CA ARG B 330 -19.69 -15.68 -33.37
C ARG B 330 -20.26 -16.83 -32.52
N ALA B 331 -19.40 -17.76 -32.09
CA ALA B 331 -19.88 -18.89 -31.34
C ALA B 331 -20.37 -18.43 -29.96
N SER B 332 -19.70 -17.41 -29.40
CA SER B 332 -20.07 -16.87 -28.09
C SER B 332 -21.10 -15.77 -28.17
N ARG B 333 -21.56 -15.43 -29.40
CA ARG B 333 -22.57 -14.43 -29.75
C ARG B 333 -22.24 -12.96 -29.49
N LEU B 334 -20.94 -12.69 -29.64
CA LEU B 334 -20.41 -11.33 -29.56
C LEU B 334 -20.85 -10.43 -30.73
N ASP B 335 -21.31 -11.03 -31.84
CA ASP B 335 -21.95 -10.27 -32.91
C ASP B 335 -23.37 -9.84 -32.47
N GLU B 336 -24.17 -10.72 -31.84
CA GLU B 336 -25.48 -10.37 -31.27
C GLU B 336 -25.51 -9.32 -30.16
N LEU B 337 -24.39 -9.07 -29.47
CA LEU B 337 -24.29 -7.99 -28.48
C LEU B 337 -24.37 -6.64 -29.14
N ALA B 338 -23.89 -6.50 -30.42
CA ALA B 338 -23.92 -5.23 -31.15
C ALA B 338 -25.26 -4.78 -31.72
N GLN B 339 -26.12 -5.81 -31.75
CA GLN B 339 -27.49 -5.68 -32.18
C GLN B 339 -28.36 -4.90 -31.17
N PRO B 340 -29.12 -3.88 -31.61
CA PRO B 340 -30.11 -3.18 -30.78
C PRO B 340 -31.07 -4.16 -30.19
N THR B 341 -31.33 -4.02 -28.89
CA THR B 341 -32.28 -4.86 -28.14
C THR B 341 -33.70 -4.64 -28.61
N ALA B 342 -34.04 -3.39 -28.85
CA ALA B 342 -35.39 -3.07 -29.20
C ALA B 342 -35.49 -1.73 -29.92
N ALA B 343 -34.87 -1.69 -31.12
CA ALA B 343 -35.00 -0.58 -32.07
C ALA B 343 -36.35 -0.98 -32.64
N ASP B 344 -37.43 -0.28 -32.43
CA ASP B 344 -38.83 -0.71 -32.75
C ASP B 344 -39.49 -0.18 -31.52
N GLY B 345 -39.06 -0.66 -30.33
CA GLY B 345 -39.54 -0.01 -29.15
C GLY B 345 -40.39 -0.90 -28.31
N VAL B 346 -40.82 -0.11 -27.33
CA VAL B 346 -41.58 -0.63 -26.20
C VAL B 346 -42.87 -1.34 -26.51
N GLN B 347 -43.67 -0.77 -27.41
CA GLN B 347 -45.01 -1.28 -27.77
C GLN B 347 -44.90 -2.68 -28.38
N GLU B 348 -43.84 -2.74 -29.18
CA GLU B 348 -43.51 -3.86 -30.01
C GLU B 348 -43.03 -5.00 -29.10
N LEU B 349 -42.06 -4.69 -28.24
CA LEU B 349 -41.58 -5.62 -27.23
C LEU B 349 -42.66 -6.21 -26.32
N LEU B 350 -43.53 -5.34 -25.79
CA LEU B 350 -44.64 -5.76 -24.93
C LEU B 350 -45.60 -6.73 -25.57
N ALA B 351 -45.81 -6.49 -26.87
CA ALA B 351 -46.73 -7.25 -27.67
C ALA B 351 -46.21 -8.60 -28.09
N ASP B 352 -44.88 -8.67 -28.12
CA ASP B 352 -44.16 -9.84 -28.56
C ASP B 352 -44.27 -11.01 -27.65
N ARG B 353 -45.01 -12.04 -28.06
CA ARG B 353 -45.14 -13.20 -27.21
C ARG B 353 -43.88 -14.04 -27.16
N THR B 354 -43.03 -13.93 -28.17
CA THR B 354 -41.81 -14.71 -28.24
C THR B 354 -40.83 -14.22 -27.16
N ALA B 355 -40.93 -12.94 -26.77
CA ALA B 355 -40.06 -12.31 -25.78
C ALA B 355 -40.44 -12.53 -24.31
N PHE B 356 -41.57 -13.19 -24.03
CA PHE B 356 -41.93 -13.49 -22.65
C PHE B 356 -42.87 -14.66 -22.51
N GLU B 357 -44.08 -14.46 -23.05
CA GLU B 357 -45.14 -15.43 -22.89
C GLU B 357 -44.86 -16.83 -23.45
N ASP B 358 -44.34 -16.93 -24.68
CA ASP B 358 -43.97 -18.19 -25.34
C ASP B 358 -42.46 -18.44 -25.33
N PHE B 359 -41.70 -17.65 -24.57
CA PHE B 359 -40.25 -17.80 -24.55
C PHE B 359 -39.79 -19.07 -23.82
N ASP B 360 -39.07 -20.01 -24.47
CA ASP B 360 -38.57 -21.21 -23.79
C ASP B 360 -37.27 -20.86 -23.08
N VAL B 361 -37.45 -20.49 -21.82
CA VAL B 361 -36.35 -20.10 -20.97
C VAL B 361 -35.27 -21.12 -20.82
N ASP B 362 -35.69 -22.36 -20.69
CA ASP B 362 -34.79 -23.47 -20.46
C ASP B 362 -33.96 -23.93 -21.64
N ALA B 363 -34.50 -23.80 -22.85
CA ALA B 363 -33.73 -24.11 -24.03
C ALA B 363 -32.59 -23.11 -24.05
N ALA B 364 -32.95 -21.83 -23.83
CA ALA B 364 -32.03 -20.69 -23.86
C ALA B 364 -31.00 -20.68 -22.74
N ALA B 365 -31.43 -21.19 -21.59
CA ALA B 365 -30.58 -21.40 -20.42
C ALA B 365 -29.48 -22.38 -20.78
N ALA B 366 -29.84 -23.43 -21.53
CA ALA B 366 -28.86 -24.45 -21.86
C ALA B 366 -27.98 -24.12 -23.06
N ARG B 367 -28.14 -22.99 -23.79
CA ARG B 367 -27.19 -22.63 -24.87
C ARG B 367 -25.89 -22.21 -24.18
N GLY B 368 -24.87 -23.11 -24.16
CA GLY B 368 -23.57 -22.84 -23.56
C GLY B 368 -22.94 -21.61 -24.18
N MET B 369 -22.14 -20.84 -23.45
CA MET B 369 -21.54 -19.63 -24.01
C MET B 369 -20.21 -19.85 -24.70
N ALA B 370 -19.58 -21.02 -24.47
CA ALA B 370 -18.28 -21.37 -25.04
C ALA B 370 -17.16 -20.36 -24.78
N PHE B 371 -17.34 -19.63 -23.66
CA PHE B 371 -16.40 -18.61 -23.24
C PHE B 371 -14.98 -19.09 -23.03
N GLU B 372 -14.84 -20.31 -22.58
CA GLU B 372 -13.57 -20.90 -22.26
C GLU B 372 -12.72 -21.29 -23.47
N ARG B 373 -13.34 -21.74 -24.56
CA ARG B 373 -12.62 -22.06 -25.78
C ARG B 373 -11.99 -20.78 -26.32
N LEU B 374 -12.83 -19.75 -26.35
CA LEU B 374 -12.40 -18.43 -26.68
C LEU B 374 -11.27 -17.93 -25.76
N ASP B 375 -11.35 -18.13 -24.43
CA ASP B 375 -10.29 -17.54 -23.63
C ASP B 375 -8.96 -18.29 -23.71
N GLN B 376 -9.00 -19.61 -23.97
CA GLN B 376 -7.80 -20.36 -24.27
C GLN B 376 -7.26 -19.95 -25.67
N LEU B 377 -8.06 -19.62 -26.66
CA LEU B 377 -7.50 -19.08 -27.88
C LEU B 377 -6.74 -17.79 -27.58
N ALA B 378 -7.27 -16.91 -26.71
CA ALA B 378 -6.54 -15.69 -26.36
C ALA B 378 -5.21 -15.99 -25.64
N MET B 379 -5.22 -17.01 -24.79
CA MET B 379 -4.10 -17.49 -23.98
C MET B 379 -2.99 -18.00 -24.88
N ASP B 380 -3.30 -18.91 -25.83
CA ASP B 380 -2.33 -19.34 -26.84
C ASP B 380 -1.82 -18.15 -27.65
N HIS B 381 -2.67 -17.21 -28.10
CA HIS B 381 -2.12 -16.07 -28.80
C HIS B 381 -1.24 -15.15 -27.96
N LEU B 382 -1.50 -14.97 -26.66
CA LEU B 382 -0.62 -14.17 -25.78
C LEU B 382 0.76 -14.83 -25.60
N LEU B 383 0.66 -16.14 -25.51
CA LEU B 383 1.81 -16.94 -25.26
C LEU B 383 2.48 -17.23 -26.57
N GLY B 384 1.83 -17.00 -27.71
CA GLY B 384 2.51 -17.26 -28.96
C GLY B 384 2.55 -18.75 -29.23
N ALA B 385 1.59 -19.51 -28.67
CA ALA B 385 1.39 -20.89 -29.07
C ALA B 385 0.58 -20.91 -30.39
N ARG B 386 0.23 -19.72 -30.92
CA ARG B 386 -0.50 -19.48 -32.17
C ARG B 386 -0.16 -18.08 -32.73
#